data_5CWR
#
_entry.id   5CWR
#
_cell.length_a   93.003
_cell.length_b   148.712
_cell.length_c   86.414
_cell.angle_alpha   90.00
_cell.angle_beta   90.00
_cell.angle_gamma   90.00
#
_symmetry.space_group_name_H-M   'P 21 21 2'
#
loop_
_entity.id
_entity.type
_entity.pdbx_description
1 polymer 'DNA polymerase lambda'
2 polymer "DNA (5'-D(*CP*GP*GP*CP*GP*GP*TP*AP*CP*TP*G)-3')"
3 polymer "DNA (5'-D(*CP*AP*GP*TP*AP*C)-3')"
4 polymer "DNA (5'-D(P*GP*CP*CP*G)-3')"
5 non-polymer "2'-DEOXYCYTIDINE-5'-TRIPHOSPHATE"
6 non-polymer 'CALCIUM ION'
7 water water
#
loop_
_entity_poly.entity_id
_entity_poly.type
_entity_poly.pdbx_seq_one_letter_code
_entity_poly.pdbx_strand_id
1 'polypeptide(L)'
;TNHNLHITEKLEVLAKAYSVQGDKWRALGYAKAINALKSFHKPVTSYQEACSIPGIGKRMAEKIIEILESGHLRKLDHIS
ESVPVLELFSNIWGAGTKTAQMWYQQGFRSLEDIRSQASLTTQQAIGLKHYSDFLERMPREEATEIEQTVQKAAQAFNSG
LLCVACGSYRRGKATCGDVDVAITHPDGRSHRGIFSRLLDSLRQEGFLTDDLVSQEENGQQQKYLGVCRLPGPGRRHRRL
DIIVVPYSEFACALLYFTGSAHFNRSMRALAKTKGMSLSEHALSTAVVRNTHGCKVGPGRVLPTPTEKDVFRLLGLPYRE
PAERDW
;
A,B
2 'polydeoxyribonucleotide' (DC)(DG)(DG)(DC)(DG)(DG)(DT)(DA)(DC)(DT)(DG) T,F
3 'polydeoxyribonucleotide' (DC)(DA)(DG)(DT)(DA)(DC) P,E
4 'polydeoxyribonucleotide' (DG)(DC)(DC)(DG) D,C
#
loop_
_chem_comp.id
_chem_comp.type
_chem_comp.name
_chem_comp.formula
CA non-polymer 'CALCIUM ION' 'Ca 2'
DA DNA linking 2'-DEOXYADENOSINE-5'-MONOPHOSPHATE 'C10 H14 N5 O6 P'
DC DNA linking 2'-DEOXYCYTIDINE-5'-MONOPHOSPHATE 'C9 H14 N3 O7 P'
DCP non-polymer 2'-DEOXYCYTIDINE-5'-TRIPHOSPHATE 'C9 H16 N3 O13 P3'
DG DNA linking 2'-DEOXYGUANOSINE-5'-MONOPHOSPHATE 'C10 H14 N5 O7 P'
DT DNA linking THYMIDINE-5'-MONOPHOSPHATE 'C10 H15 N2 O8 P'
#
# COMPACT_ATOMS: atom_id res chain seq x y z
N THR A 1 32.69 13.45 -22.80
CA THR A 1 31.59 13.35 -23.75
C THR A 1 30.75 14.62 -23.75
N ASN A 2 30.73 15.33 -22.62
CA ASN A 2 29.99 16.60 -22.53
C ASN A 2 30.68 17.71 -23.30
N HIS A 3 30.13 18.03 -24.48
CA HIS A 3 30.72 19.05 -25.34
C HIS A 3 30.15 20.44 -25.06
N ASN A 4 29.34 20.54 -24.02
CA ASN A 4 28.74 21.82 -23.66
C ASN A 4 28.93 22.13 -22.18
N LEU A 5 30.10 21.74 -21.67
CA LEU A 5 30.40 21.81 -20.25
C LEU A 5 30.33 23.22 -19.69
N HIS A 6 30.84 24.20 -20.43
CA HIS A 6 30.84 25.58 -19.95
C HIS A 6 29.43 26.13 -19.82
N ILE A 7 28.53 25.65 -20.67
CA ILE A 7 27.14 26.09 -20.66
C ILE A 7 26.36 25.41 -19.52
N THR A 8 26.47 24.09 -19.45
CA THR A 8 25.77 23.31 -18.43
C THR A 8 26.24 23.70 -17.02
N GLU A 9 27.53 24.01 -16.87
CA GLU A 9 28.07 24.45 -15.59
C GLU A 9 27.28 25.63 -15.04
N LYS A 10 27.03 26.61 -15.88
CA LYS A 10 26.35 27.84 -15.46
C LYS A 10 24.83 27.65 -15.38
N LEU A 11 24.29 26.75 -16.20
CA LEU A 11 22.86 26.44 -16.11
C LEU A 11 22.52 25.75 -14.78
N GLU A 12 23.44 24.89 -14.32
CA GLU A 12 23.23 24.16 -13.06
C GLU A 12 23.17 25.06 -11.84
N VAL A 13 23.87 26.20 -11.89
CA VAL A 13 23.86 27.15 -10.78
C VAL A 13 22.47 27.77 -10.62
N LEU A 14 21.92 28.21 -11.75
CA LEU A 14 20.58 28.77 -11.79
C LEU A 14 19.56 27.71 -11.37
N ALA A 15 19.74 26.50 -11.87
CA ALA A 15 18.84 25.39 -11.52
C ALA A 15 18.86 25.12 -10.02
N LYS A 16 20.04 25.17 -9.41
CA LYS A 16 20.19 24.96 -7.97
C LYS A 16 19.52 26.08 -7.19
N ALA A 17 19.67 27.31 -7.69
CA ALA A 17 19.00 28.45 -7.08
C ALA A 17 17.48 28.27 -7.07
N TYR A 18 16.93 27.87 -8.21
CA TYR A 18 15.49 27.59 -8.31
C TYR A 18 15.07 26.45 -7.40
N SER A 19 15.95 25.45 -7.29
CA SER A 19 15.67 24.26 -6.51
C SER A 19 15.57 24.56 -5.01
N VAL A 20 16.57 25.27 -4.47
CA VAL A 20 16.57 25.57 -3.04
C VAL A 20 15.51 26.59 -2.67
N GLN A 21 14.89 27.22 -3.66
CA GLN A 21 13.84 28.20 -3.42
C GLN A 21 12.45 27.57 -3.47
N GLY A 22 12.38 26.30 -3.86
CA GLY A 22 11.12 25.58 -3.89
C GLY A 22 10.39 25.62 -5.22
N ASP A 23 11.01 26.22 -6.23
CA ASP A 23 10.46 26.20 -7.57
C ASP A 23 10.84 24.89 -8.24
N LYS A 24 10.20 23.81 -7.81
CA LYS A 24 10.60 22.45 -8.17
C LYS A 24 10.36 22.11 -9.64
N TRP A 25 9.30 22.65 -10.23
CA TRP A 25 8.99 22.37 -11.63
C TRP A 25 9.94 23.10 -12.57
N ARG A 26 10.24 24.35 -12.23
CA ARG A 26 11.20 25.13 -12.99
C ARG A 26 12.55 24.42 -12.96
N ALA A 27 12.93 23.97 -11.78
CA ALA A 27 14.16 23.20 -11.60
C ALA A 27 14.13 21.90 -12.39
N LEU A 28 12.95 21.27 -12.47
CA LEU A 28 12.81 20.04 -13.25
C LEU A 28 13.09 20.30 -14.73
N GLY A 29 12.42 21.30 -15.28
CA GLY A 29 12.63 21.70 -16.66
C GLY A 29 14.10 22.00 -16.92
N TYR A 30 14.74 22.69 -15.98
CA TYR A 30 16.17 22.96 -16.08
C TYR A 30 16.98 21.66 -16.11
N ALA A 31 16.63 20.70 -15.26
CA ALA A 31 17.35 19.43 -15.18
C ALA A 31 17.28 18.68 -16.49
N LYS A 32 16.08 18.59 -17.05
CA LYS A 32 15.90 17.93 -18.34
C LYS A 32 16.69 18.65 -19.43
N ALA A 33 16.69 19.99 -19.38
CA ALA A 33 17.44 20.79 -20.34
C ALA A 33 18.94 20.48 -20.28
N ILE A 34 19.50 20.49 -19.08
CA ILE A 34 20.92 20.28 -18.87
C ILE A 34 21.33 18.84 -19.25
N ASN A 35 20.51 17.86 -18.88
CA ASN A 35 20.76 16.49 -19.30
C ASN A 35 20.78 16.37 -20.83
N ALA A 36 19.82 17.02 -21.48
CA ALA A 36 19.75 17.01 -22.94
C ALA A 36 20.98 17.69 -23.54
N LEU A 37 21.51 18.68 -22.82
CA LEU A 37 22.68 19.42 -23.29
C LEU A 37 23.96 18.59 -23.15
N LYS A 38 24.05 17.81 -22.08
CA LYS A 38 25.23 16.97 -21.85
C LYS A 38 25.30 15.76 -22.80
N SER A 39 24.15 15.32 -23.29
CA SER A 39 24.09 14.14 -24.16
C SER A 39 24.22 14.50 -25.64
N PHE A 40 24.21 15.80 -25.94
CA PHE A 40 24.28 16.23 -27.33
C PHE A 40 25.65 15.91 -27.94
N HIS A 41 25.63 15.34 -29.14
CA HIS A 41 26.83 14.79 -29.78
C HIS A 41 27.86 15.83 -30.20
N LYS A 42 27.54 17.10 -29.96
CA LYS A 42 28.31 18.21 -30.52
C LYS A 42 28.15 19.44 -29.63
N PRO A 43 29.15 20.33 -29.59
CA PRO A 43 28.89 21.61 -28.92
C PRO A 43 27.82 22.41 -29.67
N VAL A 44 26.86 22.97 -28.95
CA VAL A 44 25.77 23.72 -29.57
C VAL A 44 26.29 24.99 -30.22
N THR A 45 25.93 25.20 -31.48
CA THR A 45 26.49 26.31 -32.25
C THR A 45 25.46 27.36 -32.66
N SER A 46 24.17 27.08 -32.45
CA SER A 46 23.13 28.03 -32.82
C SER A 46 21.86 27.89 -32.00
N TYR A 47 21.09 28.96 -31.96
CA TYR A 47 19.78 29.00 -31.33
C TYR A 47 18.86 27.94 -31.92
N GLN A 48 18.80 27.89 -33.25
CA GLN A 48 17.93 26.95 -33.95
C GLN A 48 18.28 25.51 -33.62
N GLU A 49 19.58 25.22 -33.53
CA GLU A 49 20.05 23.88 -33.19
C GLU A 49 19.60 23.50 -31.78
N ALA A 50 19.77 24.43 -30.84
CA ALA A 50 19.38 24.23 -29.44
C ALA A 50 17.88 23.96 -29.32
N CYS A 51 17.08 24.75 -30.02
CA CYS A 51 15.62 24.59 -29.98
C CYS A 51 15.16 23.25 -30.53
N SER A 52 15.96 22.66 -31.40
CA SER A 52 15.60 21.39 -32.04
C SER A 52 15.82 20.21 -31.10
N ILE A 53 16.38 20.49 -29.93
CA ILE A 53 16.63 19.45 -28.94
C ILE A 53 15.47 19.36 -27.94
N PRO A 54 14.89 18.16 -27.78
CA PRO A 54 13.84 17.92 -26.79
C PRO A 54 14.30 18.26 -25.37
N GLY A 55 13.53 19.05 -24.65
CA GLY A 55 13.89 19.49 -23.32
C GLY A 55 14.37 20.93 -23.31
N ILE A 56 14.57 21.47 -24.51
CA ILE A 56 15.05 22.84 -24.67
C ILE A 56 14.07 23.67 -25.51
N GLY A 57 13.57 24.75 -24.93
CA GLY A 57 12.67 25.65 -25.62
C GLY A 57 13.31 27.01 -25.78
N LYS A 58 12.52 27.99 -26.23
CA LYS A 58 13.03 29.33 -26.52
C LYS A 58 13.79 29.97 -25.35
N ARG A 59 13.18 29.96 -24.17
CA ARG A 59 13.76 30.62 -23.01
C ARG A 59 15.11 30.00 -22.59
N MET A 60 15.22 28.68 -22.72
CA MET A 60 16.47 28.00 -22.38
C MET A 60 17.52 28.21 -23.47
N ALA A 61 17.06 28.20 -24.72
CA ALA A 61 17.94 28.42 -25.85
C ALA A 61 18.57 29.80 -25.80
N GLU A 62 17.80 30.78 -25.32
CA GLU A 62 18.30 32.15 -25.15
C GLU A 62 19.51 32.16 -24.23
N LYS A 63 19.42 31.45 -23.12
CA LYS A 63 20.49 31.39 -22.15
C LYS A 63 21.68 30.63 -22.69
N ILE A 64 21.41 29.51 -23.34
CA ILE A 64 22.47 28.73 -23.98
C ILE A 64 23.29 29.58 -24.94
N ILE A 65 22.62 30.32 -25.81
CA ILE A 65 23.30 31.17 -26.77
C ILE A 65 23.99 32.35 -26.08
N GLU A 66 23.39 32.87 -25.01
CA GLU A 66 24.01 33.96 -24.27
C GLU A 66 25.35 33.54 -23.67
N ILE A 67 25.38 32.35 -23.07
CA ILE A 67 26.60 31.81 -22.49
C ILE A 67 27.60 31.45 -23.59
N LEU A 68 27.08 31.00 -24.72
CA LEU A 68 27.92 30.62 -25.86
C LEU A 68 28.66 31.83 -26.45
N GLU A 69 27.96 32.93 -26.62
CA GLU A 69 28.53 34.09 -27.29
C GLU A 69 29.27 35.04 -26.34
N SER A 70 28.74 35.23 -25.13
CA SER A 70 29.36 36.16 -24.20
C SER A 70 30.32 35.47 -23.24
N GLY A 71 30.05 34.20 -22.95
CA GLY A 71 30.85 33.46 -21.99
C GLY A 71 30.30 33.59 -20.58
N HIS A 72 29.20 34.32 -20.45
CA HIS A 72 28.63 34.59 -19.13
C HIS A 72 27.10 34.50 -19.16
N LEU A 73 26.50 34.40 -17.98
CA LEU A 73 25.05 34.43 -17.85
C LEU A 73 24.65 35.53 -16.85
N ARG A 74 24.04 36.59 -17.36
CA ARG A 74 23.71 37.77 -16.55
C ARG A 74 22.78 37.46 -15.39
N LYS A 75 21.87 36.51 -15.59
CA LYS A 75 20.88 36.15 -14.58
C LYS A 75 21.55 35.65 -13.30
N LEU A 76 22.73 35.04 -13.45
CA LEU A 76 23.50 34.55 -12.32
C LEU A 76 23.91 35.70 -11.40
N ASP A 77 24.12 36.88 -11.97
CA ASP A 77 24.51 38.04 -11.19
C ASP A 77 23.31 38.71 -10.54
N HIS A 78 22.13 38.14 -10.74
CA HIS A 78 20.92 38.72 -10.19
C HIS A 78 20.19 37.73 -9.27
N ILE A 79 20.88 36.64 -8.92
CA ILE A 79 20.33 35.64 -8.01
C ILE A 79 20.24 36.21 -6.60
N SER A 80 19.11 35.93 -5.94
CA SER A 80 18.88 36.42 -4.58
C SER A 80 19.98 35.98 -3.63
N GLU A 81 20.30 36.88 -2.69
CA GLU A 81 21.38 36.68 -1.74
C GLU A 81 21.00 35.66 -0.67
N SER A 82 19.71 35.35 -0.59
CA SER A 82 19.22 34.35 0.34
C SER A 82 19.57 32.93 -0.11
N VAL A 83 19.83 32.77 -1.41
CA VAL A 83 20.04 31.45 -2.00
C VAL A 83 21.22 30.67 -1.41
N PRO A 84 22.39 31.33 -1.17
CA PRO A 84 23.44 30.55 -0.54
C PRO A 84 23.08 30.05 0.87
N VAL A 85 22.28 30.84 1.58
CA VAL A 85 21.85 30.46 2.91
C VAL A 85 20.79 29.35 2.86
N LEU A 86 19.84 29.49 1.94
CA LEU A 86 18.82 28.47 1.73
C LEU A 86 19.46 27.14 1.31
N GLU A 87 20.54 27.23 0.53
CA GLU A 87 21.26 26.03 0.12
C GLU A 87 21.99 25.43 1.30
N LEU A 88 22.60 26.30 2.11
CA LEU A 88 23.23 25.88 3.35
C LEU A 88 22.27 25.09 4.23
N PHE A 89 21.06 25.61 4.42
CA PHE A 89 20.07 24.96 5.28
C PHE A 89 19.51 23.70 4.63
N SER A 90 19.36 23.72 3.31
CA SER A 90 18.86 22.55 2.57
C SER A 90 19.84 21.39 2.58
N ASN A 91 21.11 21.66 2.84
CA ASN A 91 22.14 20.62 2.85
C ASN A 91 22.05 19.78 4.12
N ILE A 92 21.22 20.22 5.06
CA ILE A 92 20.90 19.42 6.23
C ILE A 92 19.89 18.35 5.87
N TRP A 93 20.28 17.08 6.04
CA TRP A 93 19.39 15.97 5.77
C TRP A 93 18.19 16.05 6.71
N GLY A 94 17.00 16.05 6.15
CA GLY A 94 15.78 16.15 6.94
C GLY A 94 15.16 17.52 6.81
N ALA A 95 15.91 18.44 6.28
CA ALA A 95 15.44 19.77 6.06
C ALA A 95 15.38 20.05 4.59
N GLY A 96 14.22 20.49 4.19
CA GLY A 96 13.97 20.79 2.83
C GLY A 96 13.72 22.26 2.73
N THR A 97 13.15 22.65 1.62
CA THR A 97 12.85 24.02 1.34
C THR A 97 11.90 24.81 2.23
N LYS A 98 10.82 24.23 2.71
CA LYS A 98 9.91 24.93 3.57
C LYS A 98 10.62 25.29 4.85
N THR A 99 11.37 24.33 5.34
CA THR A 99 12.14 24.50 6.53
C THR A 99 13.22 25.55 6.37
N ALA A 100 13.88 25.54 5.24
CA ALA A 100 14.92 26.50 4.98
C ALA A 100 14.40 27.91 4.91
N GLN A 101 13.24 28.08 4.28
CA GLN A 101 12.61 29.38 4.16
C GLN A 101 12.22 29.87 5.51
N MET A 102 11.67 28.99 6.29
CA MET A 102 11.24 29.33 7.61
C MET A 102 12.40 29.78 8.46
N TRP A 103 13.52 29.09 8.40
CA TRP A 103 14.66 29.45 9.17
C TRP A 103 15.22 30.77 8.74
N TYR A 104 15.27 31.01 7.45
CA TYR A 104 15.77 32.25 6.93
C TYR A 104 14.89 33.39 7.37
N GLN A 105 13.60 33.17 7.36
CA GLN A 105 12.62 34.14 7.79
C GLN A 105 12.71 34.46 9.28
N GLN A 106 13.16 33.52 10.07
CA GLN A 106 13.35 33.68 11.48
C GLN A 106 14.65 34.37 11.76
N GLY A 107 15.39 34.69 10.72
CA GLY A 107 16.65 35.36 10.84
C GLY A 107 17.93 34.55 10.82
N PHE A 108 17.85 33.23 10.87
CA PHE A 108 19.02 32.40 10.89
C PHE A 108 19.82 32.55 9.62
N ARG A 109 21.12 32.66 9.74
CA ARG A 109 22.00 32.87 8.59
C ARG A 109 23.19 31.91 8.56
N SER A 110 23.31 31.06 9.58
CA SER A 110 24.43 30.13 9.64
C SER A 110 24.02 28.81 10.28
N LEU A 111 24.88 27.80 10.14
CA LEU A 111 24.64 26.52 10.79
C LEU A 111 24.70 26.67 12.31
N GLU A 112 25.46 27.66 12.77
CA GLU A 112 25.58 27.96 14.19
C GLU A 112 24.27 28.51 14.78
N ASP A 113 23.63 29.41 14.04
CA ASP A 113 22.30 29.90 14.40
C ASP A 113 21.29 28.76 14.47
N ILE A 114 21.39 27.83 13.52
CA ILE A 114 20.51 26.67 13.48
C ILE A 114 20.75 25.79 14.70
N ARG A 115 22.01 25.62 15.05
CA ARG A 115 22.38 24.81 16.20
C ARG A 115 21.84 25.40 17.51
N SER A 116 22.00 26.71 17.68
CA SER A 116 21.69 27.34 18.96
C SER A 116 20.24 27.79 19.12
N GLN A 117 19.55 28.05 18.01
CA GLN A 117 18.21 28.67 18.10
C GLN A 117 17.08 27.92 17.39
N ALA A 118 17.40 27.11 16.39
CA ALA A 118 16.37 26.49 15.56
C ALA A 118 15.75 25.25 16.20
N SER A 119 14.47 25.03 15.91
CA SER A 119 13.77 23.83 16.38
C SER A 119 14.00 22.70 15.39
N LEU A 120 14.62 21.62 15.85
CA LEU A 120 15.05 20.55 14.96
C LEU A 120 14.37 19.21 15.24
N THR A 121 13.87 18.58 14.18
CA THR A 121 13.40 17.21 14.26
C THR A 121 14.59 16.30 14.56
N THR A 122 14.30 15.07 14.96
CA THR A 122 15.35 14.09 15.24
C THR A 122 16.26 13.91 14.01
N GLN A 123 15.63 13.71 12.86
CA GLN A 123 16.35 13.56 11.60
C GLN A 123 17.23 14.78 11.30
N GLN A 124 16.67 15.97 11.48
CA GLN A 124 17.43 17.20 11.24
C GLN A 124 18.60 17.35 12.21
N ALA A 125 18.43 16.89 13.45
CA ALA A 125 19.52 16.94 14.40
C ALA A 125 20.64 16.00 13.98
N ILE A 126 20.27 14.81 13.47
CA ILE A 126 21.28 13.88 12.98
C ILE A 126 21.99 14.45 11.76
N GLY A 127 21.22 15.11 10.89
CA GLY A 127 21.78 15.72 9.69
C GLY A 127 22.70 16.89 9.99
N LEU A 128 22.38 17.64 11.03
CA LEU A 128 23.20 18.77 11.44
C LEU A 128 24.48 18.27 12.07
N LYS A 129 24.35 17.27 12.93
CA LYS A 129 25.50 16.69 13.63
C LYS A 129 26.55 16.12 12.67
N HIS A 130 26.10 15.58 11.54
CA HIS A 130 27.01 15.00 10.56
C HIS A 130 27.01 15.75 9.24
N TYR A 131 26.84 17.07 9.31
CA TYR A 131 26.73 17.91 8.12
C TYR A 131 27.88 17.71 7.14
N SER A 132 29.09 17.90 7.63
CA SER A 132 30.29 17.82 6.79
C SER A 132 30.50 16.42 6.22
N ASP A 133 30.25 15.40 7.04
CA ASP A 133 30.39 14.01 6.61
C ASP A 133 29.41 13.66 5.49
N PHE A 134 28.15 14.04 5.68
CA PHE A 134 27.11 13.74 4.70
C PHE A 134 27.27 14.55 3.42
N LEU A 135 27.90 15.71 3.52
CA LEU A 135 28.08 16.57 2.35
C LEU A 135 29.25 16.09 1.48
N GLU A 136 30.17 15.34 2.07
CA GLU A 136 31.35 14.87 1.36
C GLU A 136 31.09 13.53 0.69
N ARG A 137 31.20 13.50 -0.64
CA ARG A 137 31.04 12.24 -1.38
C ARG A 137 32.20 11.30 -1.06
N MET A 138 31.89 10.03 -0.82
CA MET A 138 32.90 9.06 -0.46
C MET A 138 33.52 8.44 -1.70
N PRO A 139 34.78 8.00 -1.60
CA PRO A 139 35.38 7.23 -2.70
C PRO A 139 34.66 5.89 -2.81
N ARG A 140 34.50 5.35 -4.02
CA ARG A 140 33.69 4.15 -4.20
C ARG A 140 34.33 2.92 -3.54
N GLU A 141 35.61 3.01 -3.20
CA GLU A 141 36.26 1.94 -2.44
C GLU A 141 35.66 1.86 -1.03
N GLU A 142 35.40 3.00 -0.43
CA GLU A 142 34.75 3.05 0.88
C GLU A 142 33.31 2.53 0.79
N ALA A 143 32.63 2.88 -0.30
CA ALA A 143 31.29 2.37 -0.57
C ALA A 143 31.33 0.85 -0.69
N THR A 144 32.38 0.33 -1.31
CA THR A 144 32.58 -1.12 -1.41
C THR A 144 32.71 -1.73 -0.03
N GLU A 145 33.53 -1.12 0.82
CA GLU A 145 33.72 -1.63 2.18
C GLU A 145 32.40 -1.67 2.95
N ILE A 146 31.62 -0.61 2.83
CA ILE A 146 30.31 -0.56 3.49
C ILE A 146 29.37 -1.65 2.97
N GLU A 147 29.31 -1.77 1.64
CA GLU A 147 28.48 -2.80 1.00
C GLU A 147 28.87 -4.18 1.48
N GLN A 148 30.16 -4.44 1.62
CA GLN A 148 30.60 -5.77 1.99
C GLN A 148 30.42 -6.00 3.49
N THR A 149 30.37 -4.93 4.27
CA THR A 149 30.03 -5.06 5.69
C THR A 149 28.58 -5.54 5.79
N VAL A 150 27.69 -4.86 5.06
CA VAL A 150 26.29 -5.24 5.07
C VAL A 150 26.09 -6.66 4.53
N GLN A 151 26.77 -6.98 3.43
CA GLN A 151 26.67 -8.29 2.80
C GLN A 151 27.17 -9.38 3.72
N LYS A 152 28.26 -9.11 4.43
CA LYS A 152 28.82 -10.07 5.36
C LYS A 152 27.84 -10.33 6.50
N ALA A 153 27.24 -9.26 7.02
CA ALA A 153 26.25 -9.43 8.08
C ALA A 153 25.01 -10.18 7.60
N ALA A 154 24.66 -10.01 6.32
CA ALA A 154 23.46 -10.63 5.76
C ALA A 154 23.65 -12.11 5.49
N GLN A 155 24.68 -12.44 4.72
CA GLN A 155 24.92 -13.82 4.31
C GLN A 155 25.29 -14.73 5.48
N ALA A 156 25.44 -14.14 6.66
CA ALA A 156 25.67 -14.92 7.87
C ALA A 156 24.40 -15.66 8.28
N PHE A 157 23.25 -15.09 7.97
CA PHE A 157 21.97 -15.73 8.24
C PHE A 157 21.57 -16.66 7.11
N ASN A 158 21.98 -16.30 5.89
CA ASN A 158 21.68 -17.09 4.70
C ASN A 158 22.67 -16.77 3.59
N SER A 159 23.55 -17.71 3.30
CA SER A 159 24.63 -17.49 2.34
C SER A 159 24.11 -17.29 0.91
N GLY A 160 22.86 -17.65 0.68
CA GLY A 160 22.25 -17.49 -0.63
C GLY A 160 21.70 -16.10 -0.88
N LEU A 161 21.73 -15.26 0.15
CA LEU A 161 21.21 -13.90 0.03
C LEU A 161 22.02 -13.07 -0.95
N LEU A 162 21.31 -12.47 -1.91
CA LEU A 162 21.94 -11.64 -2.92
C LEU A 162 21.98 -10.18 -2.47
N CYS A 163 23.16 -9.59 -2.49
CA CYS A 163 23.34 -8.21 -2.04
C CYS A 163 24.06 -7.39 -3.12
N VAL A 164 23.40 -6.34 -3.59
CA VAL A 164 23.94 -5.51 -4.67
C VAL A 164 23.93 -4.04 -4.29
N ALA A 165 25.09 -3.40 -4.38
CA ALA A 165 25.14 -1.96 -4.20
C ALA A 165 24.60 -1.29 -5.46
N CYS A 166 23.64 -0.39 -5.28
CA CYS A 166 23.01 0.28 -6.41
C CYS A 166 23.40 1.74 -6.44
N GLY A 167 22.48 2.60 -6.86
CA GLY A 167 22.72 4.03 -6.93
C GLY A 167 23.88 4.38 -7.84
N SER A 168 24.61 5.42 -7.47
CA SER A 168 25.73 5.91 -8.28
C SER A 168 26.85 4.89 -8.34
N TYR A 169 26.94 4.05 -7.31
CA TYR A 169 27.95 2.99 -7.26
C TYR A 169 27.77 2.02 -8.42
N ARG A 170 26.53 1.60 -8.66
CA ARG A 170 26.25 0.63 -9.72
C ARG A 170 26.40 1.29 -11.08
N ARG A 171 26.17 2.60 -11.14
CA ARG A 171 26.33 3.34 -12.38
C ARG A 171 27.81 3.68 -12.65
N GLY A 172 28.68 3.21 -11.75
CA GLY A 172 30.12 3.27 -11.96
C GLY A 172 30.80 4.59 -11.67
N LYS A 173 30.12 5.47 -10.95
CA LYS A 173 30.70 6.77 -10.60
C LYS A 173 31.89 6.63 -9.67
N ALA A 174 32.82 7.59 -9.73
CA ALA A 174 34.05 7.52 -8.97
C ALA A 174 33.83 7.82 -7.49
N THR A 175 32.82 8.64 -7.22
CA THR A 175 32.46 8.95 -5.84
C THR A 175 30.97 8.70 -5.63
N CYS A 176 30.59 8.41 -4.38
CA CYS A 176 29.21 8.15 -4.04
C CYS A 176 28.74 9.06 -2.92
N GLY A 177 27.52 9.59 -3.05
CA GLY A 177 26.94 10.43 -2.02
C GLY A 177 26.57 9.64 -0.79
N ASP A 178 26.10 8.41 -1.01
CA ASP A 178 25.75 7.51 0.08
C ASP A 178 25.68 6.08 -0.45
N VAL A 179 25.66 5.09 0.43
CA VAL A 179 25.65 3.71 -0.05
C VAL A 179 24.24 3.15 -0.13
N ASP A 180 23.92 2.56 -1.28
CA ASP A 180 22.61 1.99 -1.55
C ASP A 180 22.70 0.48 -1.73
N VAL A 181 22.21 -0.28 -0.75
CA VAL A 181 22.28 -1.72 -0.82
C VAL A 181 20.91 -2.38 -0.95
N ALA A 182 20.76 -3.15 -2.01
CA ALA A 182 19.55 -3.95 -2.21
C ALA A 182 19.84 -5.41 -1.87
N ILE A 183 18.87 -6.07 -1.24
CA ILE A 183 19.02 -7.45 -0.80
C ILE A 183 17.81 -8.30 -1.17
N THR A 184 18.05 -9.50 -1.67
CA THR A 184 16.96 -10.40 -2.02
C THR A 184 17.43 -11.85 -1.88
N HIS A 185 16.61 -12.78 -2.38
CA HIS A 185 16.98 -14.19 -2.41
C HIS A 185 16.26 -14.87 -3.57
N PRO A 186 17.02 -15.55 -4.46
CA PRO A 186 16.45 -16.28 -5.60
C PRO A 186 15.41 -17.30 -5.14
N ASP A 187 15.57 -17.75 -3.89
CA ASP A 187 14.61 -18.60 -3.20
C ASP A 187 13.17 -18.11 -3.39
N GLY A 188 12.96 -16.83 -3.16
CA GLY A 188 11.64 -16.24 -3.26
C GLY A 188 10.94 -16.14 -1.92
N ARG A 189 11.51 -16.80 -0.91
CA ARG A 189 10.89 -16.84 0.41
C ARG A 189 11.82 -16.40 1.53
N SER A 190 13.09 -16.84 1.48
CA SER A 190 14.00 -16.60 2.58
C SER A 190 14.61 -15.19 2.58
N HIS A 191 13.95 -14.26 1.91
CA HIS A 191 14.26 -12.84 2.04
C HIS A 191 13.45 -12.29 3.22
N ARG A 192 12.45 -13.06 3.63
CA ARG A 192 11.54 -12.65 4.69
C ARG A 192 12.21 -12.73 6.06
N GLY A 193 11.97 -11.72 6.90
CA GLY A 193 12.43 -11.73 8.27
C GLY A 193 13.85 -11.24 8.51
N ILE A 194 14.65 -11.17 7.45
CA ILE A 194 16.07 -10.85 7.59
C ILE A 194 16.32 -9.38 7.95
N PHE A 195 15.29 -8.55 7.84
CA PHE A 195 15.44 -7.13 8.11
C PHE A 195 15.87 -6.86 9.55
N SER A 196 15.05 -7.33 10.50
CA SER A 196 15.33 -7.18 11.92
C SER A 196 16.68 -7.78 12.30
N ARG A 197 16.96 -8.99 11.83
CA ARG A 197 18.20 -9.67 12.14
C ARG A 197 19.43 -8.94 11.61
N LEU A 198 19.33 -8.44 10.39
CA LEU A 198 20.42 -7.69 9.78
C LEU A 198 20.69 -6.39 10.52
N LEU A 199 19.61 -5.66 10.82
CA LEU A 199 19.74 -4.39 11.54
C LEU A 199 20.34 -4.61 12.92
N ASP A 200 19.89 -5.64 13.61
CA ASP A 200 20.42 -5.94 14.93
C ASP A 200 21.89 -6.33 14.86
N SER A 201 22.21 -7.21 13.91
CA SER A 201 23.59 -7.65 13.69
C SER A 201 24.52 -6.47 13.42
N LEU A 202 24.07 -5.53 12.58
CA LEU A 202 24.85 -4.35 12.25
C LEU A 202 24.93 -3.37 13.42
N ARG A 203 23.92 -3.37 14.27
CA ARG A 203 23.91 -2.50 15.45
C ARG A 203 24.88 -3.00 16.52
N GLN A 204 24.95 -4.31 16.71
CA GLN A 204 25.83 -4.88 17.72
C GLN A 204 27.31 -4.75 17.33
N GLU A 205 27.58 -4.69 16.03
CA GLU A 205 28.94 -4.46 15.54
C GLU A 205 29.35 -3.00 15.75
N GLY A 206 28.40 -2.16 16.05
CA GLY A 206 28.65 -0.76 16.21
C GLY A 206 28.72 -0.05 14.89
N PHE A 207 28.39 -0.77 13.83
CA PHE A 207 28.37 -0.27 12.47
C PHE A 207 27.30 0.77 12.14
N LEU A 208 26.11 0.56 12.67
CA LEU A 208 25.01 1.47 12.50
C LEU A 208 25.03 2.40 13.68
N THR A 209 25.02 3.68 13.40
CA THR A 209 25.06 4.66 14.46
C THR A 209 23.80 5.43 14.69
N ASP A 210 23.06 5.70 13.64
CA ASP A 210 21.87 6.47 13.72
C ASP A 210 20.84 5.94 12.77
N ASP A 211 19.59 6.11 13.10
CA ASP A 211 18.51 5.69 12.27
C ASP A 211 17.71 6.89 11.86
N LEU A 212 17.41 7.02 10.58
CA LEU A 212 16.58 8.09 10.11
C LEU A 212 15.19 7.62 9.79
N VAL A 213 15.09 6.53 9.06
CA VAL A 213 13.83 5.95 8.67
C VAL A 213 13.84 4.45 8.78
N SER A 214 13.12 3.89 9.73
CA SER A 214 13.04 2.44 9.86
C SER A 214 11.85 2.02 10.62
N GLN A 215 10.82 1.59 9.94
CA GLN A 215 9.60 1.15 10.61
C GLN A 215 9.68 -0.35 10.89
N GLU A 216 10.21 -0.69 12.05
CA GLU A 216 10.44 -2.08 12.43
C GLU A 216 9.29 -2.90 13.02
N GLU A 217 8.19 -2.25 13.34
CA GLU A 217 7.01 -2.93 13.85
C GLU A 217 6.47 -3.84 12.77
N ASN A 218 6.59 -3.37 11.54
CA ASN A 218 6.15 -4.03 10.34
C ASN A 218 7.13 -5.08 9.80
N GLY A 219 6.64 -6.30 9.66
CA GLY A 219 7.43 -7.39 9.14
C GLY A 219 7.44 -7.44 7.63
N GLN A 221 8.22 -4.49 6.31
CA GLN A 221 9.08 -3.34 6.01
C GLN A 221 10.19 -3.73 5.04
N GLN A 222 10.38 -2.91 4.01
CA GLN A 222 11.43 -3.19 3.04
C GLN A 222 12.49 -2.10 2.98
N LYS A 223 12.30 -0.98 3.67
CA LYS A 223 13.29 0.09 3.55
C LYS A 223 13.87 0.58 4.88
N TYR A 224 15.18 0.82 4.88
CA TYR A 224 15.89 1.39 6.00
C TYR A 224 16.75 2.55 5.52
N LEU A 225 16.59 3.72 6.15
CA LEU A 225 17.48 4.84 5.92
C LEU A 225 18.18 5.18 7.22
N GLY A 226 19.50 5.09 7.24
CA GLY A 226 20.24 5.41 8.44
C GLY A 226 21.66 5.87 8.19
N VAL A 227 22.48 5.74 9.23
CA VAL A 227 23.86 6.19 9.22
C VAL A 227 24.77 5.05 9.67
N CYS A 228 25.91 4.91 9.00
CA CYS A 228 26.87 3.89 9.38
C CYS A 228 28.27 4.49 9.45
N ARG A 229 29.21 3.77 10.03
CA ARG A 229 30.61 4.20 10.02
C ARG A 229 31.54 3.01 10.07
N LEU A 230 32.48 2.96 9.13
CA LEU A 230 33.45 1.88 9.08
C LEU A 230 34.37 1.94 10.30
N PRO A 231 34.79 0.77 10.80
CA PRO A 231 35.72 0.74 11.93
C PRO A 231 37.10 1.25 11.53
N GLY A 232 37.84 1.79 12.49
CA GLY A 232 39.15 2.35 12.20
C GLY A 232 39.18 3.85 12.45
N PRO A 233 40.39 4.39 12.65
CA PRO A 233 40.58 5.80 13.04
C PRO A 233 40.31 6.80 11.92
N GLY A 234 39.51 7.82 12.22
CA GLY A 234 39.29 8.91 11.29
C GLY A 234 38.16 8.68 10.29
N ARG A 235 37.50 7.55 10.40
CA ARG A 235 36.40 7.21 9.50
C ARG A 235 35.22 8.15 9.68
N ARG A 236 34.66 8.59 8.56
CA ARG A 236 33.51 9.50 8.57
C ARG A 236 32.21 8.73 8.72
N HIS A 237 31.17 9.42 9.19
CA HIS A 237 29.83 8.86 9.17
C HIS A 237 29.31 8.96 7.75
N ARG A 238 28.55 7.95 7.33
CA ARG A 238 28.05 7.88 5.96
C ARG A 238 26.58 7.50 5.95
N ARG A 239 25.86 7.99 4.95
CA ARG A 239 24.45 7.65 4.80
C ARG A 239 24.31 6.28 4.15
N LEU A 240 23.51 5.43 4.77
CA LEU A 240 23.31 4.06 4.30
C LEU A 240 21.83 3.76 4.12
N ASP A 241 21.48 3.28 2.93
CA ASP A 241 20.10 2.90 2.64
C ASP A 241 20.02 1.44 2.23
N ILE A 242 19.16 0.69 2.88
CA ILE A 242 19.01 -0.73 2.58
C ILE A 242 17.57 -1.05 2.19
N ILE A 243 17.40 -1.76 1.08
CA ILE A 243 16.08 -2.26 0.72
C ILE A 243 16.11 -3.78 0.62
N VAL A 244 15.07 -4.42 1.14
CA VAL A 244 14.95 -5.87 1.05
C VAL A 244 13.69 -6.22 0.26
N VAL A 245 13.84 -6.88 -0.88
CA VAL A 245 12.71 -7.11 -1.77
C VAL A 245 12.56 -8.58 -2.15
N PRO A 246 11.32 -9.02 -2.41
CA PRO A 246 11.08 -10.36 -2.92
C PRO A 246 11.66 -10.53 -4.33
N TYR A 247 12.13 -11.73 -4.66
CA TYR A 247 12.84 -11.97 -5.91
C TYR A 247 12.04 -11.54 -7.15
N SER A 248 10.73 -11.75 -7.10
CA SER A 248 9.86 -11.43 -8.22
C SER A 248 9.85 -9.94 -8.55
N GLU A 249 10.29 -9.11 -7.61
CA GLU A 249 10.33 -7.67 -7.81
C GLU A 249 11.75 -7.16 -7.98
N PHE A 250 12.73 -8.06 -7.85
CA PHE A 250 14.12 -7.65 -7.80
C PHE A 250 14.52 -6.76 -8.98
N ALA A 251 14.13 -7.16 -10.18
CA ALA A 251 14.52 -6.42 -11.38
C ALA A 251 14.02 -4.98 -11.33
N CYS A 252 12.81 -4.78 -10.84
CA CYS A 252 12.25 -3.44 -10.77
C CYS A 252 12.86 -2.68 -9.60
N ALA A 253 13.25 -3.38 -8.58
CA ALA A 253 13.87 -2.79 -7.46
C ALA A 253 15.26 -2.28 -7.77
N LEU A 254 15.99 -3.08 -8.48
CA LEU A 254 17.32 -2.80 -8.89
C LEU A 254 17.38 -1.64 -9.82
N LEU A 255 16.46 -1.61 -10.74
CA LEU A 255 16.34 -0.60 -11.70
C LEU A 255 16.03 0.72 -11.06
N TYR A 256 15.14 0.69 -10.09
CA TYR A 256 14.79 1.85 -9.35
C TYR A 256 15.95 2.35 -8.53
N PHE A 257 16.60 1.45 -7.84
CA PHE A 257 17.68 1.77 -6.99
C PHE A 257 18.91 2.33 -7.66
N THR A 258 19.21 1.84 -8.84
CA THR A 258 20.29 2.27 -9.68
C THR A 258 20.12 3.67 -10.21
N GLY A 259 18.90 3.98 -10.55
CA GLY A 259 18.57 5.25 -11.09
C GLY A 259 19.24 5.54 -12.41
N SER A 260 19.63 6.78 -12.62
CA SER A 260 19.45 7.86 -11.65
C SER A 260 17.99 8.30 -11.51
N ALA A 261 17.75 9.28 -10.64
CA ALA A 261 16.40 9.74 -10.36
C ALA A 261 15.72 10.33 -11.60
N HIS A 262 16.45 11.14 -12.36
CA HIS A 262 15.90 11.75 -13.57
C HIS A 262 15.63 10.70 -14.64
N PHE A 263 16.51 9.69 -14.68
CA PHE A 263 16.32 8.53 -15.54
C PHE A 263 15.03 7.82 -15.17
N ASN A 264 14.84 7.60 -13.87
CA ASN A 264 13.63 6.95 -13.37
C ASN A 264 12.38 7.73 -13.75
N ARG A 265 12.42 9.04 -13.57
CA ARG A 265 11.27 9.88 -13.89
C ARG A 265 10.94 9.82 -15.37
N SER A 266 11.96 9.86 -16.21
CA SER A 266 11.73 9.79 -17.65
C SER A 266 11.15 8.44 -18.05
N MET A 267 11.69 7.38 -17.46
CA MET A 267 11.25 6.02 -17.79
C MET A 267 9.81 5.78 -17.33
N ARG A 268 9.45 6.31 -16.17
CA ARG A 268 8.09 6.14 -15.66
C ARG A 268 7.12 6.98 -16.46
N ALA A 269 7.56 8.16 -16.89
CA ALA A 269 6.77 9.00 -17.78
C ALA A 269 6.47 8.26 -19.09
N LEU A 270 7.53 7.72 -19.70
CA LEU A 270 7.38 6.97 -20.94
C LEU A 270 6.45 5.76 -20.76
N ALA A 271 6.60 5.06 -19.64
CA ALA A 271 5.71 3.94 -19.34
C ALA A 271 4.26 4.42 -19.28
N LYS A 272 4.06 5.57 -18.64
CA LYS A 272 2.72 6.14 -18.52
C LYS A 272 2.12 6.50 -19.88
N THR A 273 2.96 6.99 -20.80
CA THR A 273 2.46 7.33 -22.14
C THR A 273 2.04 6.09 -22.92
N LYS A 274 2.65 4.94 -22.60
CA LYS A 274 2.36 3.70 -23.31
C LYS A 274 1.30 2.86 -22.61
N GLY A 275 0.49 3.52 -21.79
CA GLY A 275 -0.59 2.83 -21.08
C GLY A 275 -0.07 1.85 -20.05
N MET A 276 1.04 2.20 -19.41
CA MET A 276 1.61 1.36 -18.37
C MET A 276 1.98 2.19 -17.14
N SER A 277 2.40 1.50 -16.08
CA SER A 277 2.88 2.15 -14.88
C SER A 277 4.14 1.45 -14.40
N LEU A 278 5.14 2.23 -14.01
CA LEU A 278 6.39 1.65 -13.53
C LEU A 278 6.74 2.15 -12.13
N SER A 279 7.00 1.20 -11.23
CA SER A 279 7.39 1.53 -9.87
C SER A 279 8.56 0.67 -9.45
N GLU A 280 9.02 0.86 -8.22
CA GLU A 280 10.08 0.04 -7.66
C GLU A 280 9.61 -1.40 -7.47
N HIS A 281 8.29 -1.59 -7.40
CA HIS A 281 7.70 -2.92 -7.18
C HIS A 281 7.55 -3.71 -8.48
N ALA A 282 6.91 -3.10 -9.48
CA ALA A 282 6.62 -3.82 -10.71
C ALA A 282 6.37 -2.90 -11.90
N LEU A 283 6.56 -3.44 -13.10
CA LEU A 283 6.01 -2.84 -14.31
C LEU A 283 4.64 -3.45 -14.51
N SER A 284 3.62 -2.60 -14.60
CA SER A 284 2.24 -3.08 -14.71
C SER A 284 1.51 -2.30 -15.80
N THR A 285 0.28 -2.69 -16.05
CA THR A 285 -0.53 -2.00 -17.01
C THR A 285 -1.05 -0.72 -16.38
N ALA A 286 -1.79 0.07 -17.12
CA ALA A 286 -2.27 1.34 -16.62
C ALA A 286 -3.13 1.19 -15.42
N VAL A 287 -3.00 2.13 -14.51
CA VAL A 287 -3.77 2.10 -13.32
C VAL A 287 -5.26 2.28 -13.60
N VAL A 288 -6.08 1.76 -12.71
CA VAL A 288 -7.51 1.88 -12.85
C VAL A 288 -8.05 3.22 -12.37
N ARG A 289 -8.88 3.84 -13.20
CA ARG A 289 -9.45 5.15 -12.97
C ARG A 289 -10.97 5.16 -13.03
N ASN A 290 -11.59 6.21 -12.51
CA ASN A 290 -13.03 6.43 -12.50
C ASN A 290 -13.45 7.16 -13.76
N THR A 291 -14.65 7.70 -13.79
CA THR A 291 -15.12 8.52 -14.89
C THR A 291 -14.23 9.74 -14.87
N HIS A 292 -13.95 10.19 -13.66
CA HIS A 292 -13.04 11.27 -13.40
C HIS A 292 -11.69 10.61 -13.64
N GLY A 293 -10.65 11.39 -13.82
CA GLY A 293 -9.34 10.82 -14.09
C GLY A 293 -8.65 10.14 -12.93
N CYS A 294 -9.28 10.14 -11.78
CA CYS A 294 -8.72 9.58 -10.58
C CYS A 294 -8.44 8.11 -10.52
N LYS A 295 -7.28 7.81 -9.99
CA LYS A 295 -6.87 6.45 -9.88
C LYS A 295 -7.52 5.84 -8.69
N VAL A 296 -7.95 4.61 -8.85
CA VAL A 296 -8.57 3.87 -7.80
C VAL A 296 -7.94 2.50 -7.56
N GLY A 297 -7.13 2.05 -8.49
CA GLY A 297 -6.48 0.77 -8.35
C GLY A 297 -5.28 0.51 -9.22
N PRO A 298 -4.43 -0.47 -8.75
CA PRO A 298 -3.28 -0.74 -9.62
C PRO A 298 -3.67 -1.48 -10.87
N GLY A 299 -2.75 -1.43 -11.82
CA GLY A 299 -2.83 -2.13 -13.08
C GLY A 299 -2.35 -3.55 -12.86
N ARG A 300 -2.47 -4.37 -13.87
CA ARG A 300 -2.03 -5.74 -13.76
C ARG A 300 -0.54 -5.79 -13.88
N VAL A 301 0.09 -6.52 -13.01
CA VAL A 301 1.54 -6.69 -13.03
C VAL A 301 2.01 -7.51 -14.23
N LEU A 302 2.97 -6.95 -14.97
CA LEU A 302 3.65 -7.69 -16.03
C LEU A 302 4.98 -8.20 -15.49
N PRO A 303 5.12 -9.52 -15.35
CA PRO A 303 6.32 -10.14 -14.78
C PRO A 303 7.61 -9.74 -15.49
N THR A 304 8.64 -9.42 -14.73
CA THR A 304 9.92 -8.95 -15.26
C THR A 304 11.10 -9.53 -14.49
N PRO A 305 11.60 -10.70 -14.92
CA PRO A 305 12.76 -11.35 -14.28
C PRO A 305 14.04 -10.51 -14.26
N THR A 306 14.28 -9.75 -15.33
CA THR A 306 15.49 -8.93 -15.43
C THR A 306 15.16 -7.50 -15.86
N GLU A 307 16.10 -6.59 -15.63
CA GLU A 307 15.97 -5.19 -16.05
C GLU A 307 15.68 -5.11 -17.54
N LYS A 308 16.37 -5.96 -18.30
CA LYS A 308 16.24 -6.01 -19.74
C LYS A 308 14.80 -6.29 -20.13
N ASP A 309 14.08 -7.07 -19.32
CA ASP A 309 12.67 -7.36 -19.58
C ASP A 309 11.82 -6.09 -19.46
N VAL A 310 12.14 -5.26 -18.47
CA VAL A 310 11.43 -3.99 -18.30
C VAL A 310 11.68 -3.09 -19.51
N PHE A 311 12.94 -3.01 -19.95
CA PHE A 311 13.26 -2.25 -21.15
C PHE A 311 12.48 -2.79 -22.37
N ARG A 312 12.44 -4.11 -22.50
CA ARG A 312 11.76 -4.77 -23.61
C ARG A 312 10.27 -4.41 -23.65
N LEU A 313 9.59 -4.56 -22.51
CA LEU A 313 8.15 -4.33 -22.46
C LEU A 313 7.80 -2.85 -22.64
N LEU A 314 8.80 -1.98 -22.55
CA LEU A 314 8.58 -0.55 -22.77
C LEU A 314 9.02 -0.12 -24.17
N GLY A 315 9.50 -1.07 -24.97
CA GLY A 315 9.94 -0.77 -26.32
C GLY A 315 11.19 0.10 -26.36
N LEU A 316 12.09 -0.14 -25.42
CA LEU A 316 13.31 0.66 -25.29
C LEU A 316 14.58 -0.16 -25.49
N PRO A 317 15.60 0.44 -26.10
CA PRO A 317 16.90 -0.22 -26.17
C PRO A 317 17.48 -0.35 -24.76
N TYR A 318 18.01 -1.52 -24.42
CA TYR A 318 18.56 -1.71 -23.08
C TYR A 318 19.79 -0.83 -22.87
N ARG A 319 19.89 -0.26 -21.68
CA ARG A 319 21.07 0.51 -21.32
C ARG A 319 21.72 -0.03 -20.05
N GLU A 320 23.04 -0.23 -20.10
CA GLU A 320 23.81 -0.61 -18.92
C GLU A 320 23.74 0.53 -17.90
N PRO A 321 23.88 0.20 -16.60
CA PRO A 321 23.81 1.18 -15.51
C PRO A 321 24.63 2.46 -15.74
N ALA A 322 25.80 2.36 -16.37
CA ALA A 322 26.62 3.54 -16.64
C ALA A 322 26.00 4.45 -17.69
N GLU A 323 25.02 3.94 -18.44
CA GLU A 323 24.32 4.73 -19.45
C GLU A 323 23.01 5.29 -18.91
N ARG A 324 22.78 5.14 -17.62
CA ARG A 324 21.57 5.66 -16.99
C ARG A 324 21.94 6.80 -16.05
N ASP A 325 23.17 7.28 -16.18
CA ASP A 325 23.69 8.32 -15.30
C ASP A 325 23.19 9.69 -15.72
N TRP A 326 21.88 9.91 -15.57
CA TRP A 326 21.29 11.19 -15.95
C TRP A 326 21.35 12.17 -14.77
N THR D 1 -34.93 -5.21 19.93
CA THR D 1 -36.18 -5.73 19.41
C THR D 1 -36.58 -5.09 18.09
N ASN D 2 -36.86 -5.93 17.09
CA ASN D 2 -37.30 -5.46 15.78
C ASN D 2 -38.82 -5.30 15.75
N HIS D 3 -39.28 -4.06 15.83
CA HIS D 3 -40.71 -3.76 15.86
C HIS D 3 -41.34 -3.84 14.47
N ASN D 4 -40.52 -4.03 13.45
CA ASN D 4 -41.00 -4.07 12.08
C ASN D 4 -40.62 -5.36 11.36
N LEU D 5 -40.63 -6.47 12.09
CA LEU D 5 -40.25 -7.77 11.54
C LEU D 5 -41.12 -8.14 10.34
N HIS D 6 -42.39 -7.78 10.42
CA HIS D 6 -43.36 -8.10 9.36
C HIS D 6 -43.05 -7.40 8.04
N ILE D 7 -42.29 -6.30 8.10
CA ILE D 7 -41.84 -5.62 6.89
C ILE D 7 -40.52 -6.21 6.40
N THR D 8 -39.54 -6.24 7.30
CA THR D 8 -38.17 -6.60 6.97
C THR D 8 -38.04 -8.05 6.48
N GLU D 9 -38.83 -8.95 7.05
CA GLU D 9 -38.76 -10.36 6.65
C GLU D 9 -39.14 -10.51 5.17
N LYS D 10 -40.00 -9.62 4.69
CA LYS D 10 -40.44 -9.65 3.31
C LYS D 10 -39.48 -8.88 2.41
N LEU D 11 -38.93 -7.79 2.92
CA LEU D 11 -37.96 -7.00 2.15
C LEU D 11 -36.65 -7.75 1.91
N GLU D 12 -36.28 -8.61 2.86
CA GLU D 12 -35.02 -9.35 2.79
C GLU D 12 -34.98 -10.31 1.59
N VAL D 13 -36.14 -10.84 1.22
CA VAL D 13 -36.24 -11.69 0.03
C VAL D 13 -35.90 -10.92 -1.24
N LEU D 14 -36.48 -9.72 -1.37
CA LEU D 14 -36.19 -8.85 -2.50
C LEU D 14 -34.72 -8.48 -2.53
N ALA D 15 -34.19 -8.07 -1.39
CA ALA D 15 -32.76 -7.72 -1.27
C ALA D 15 -31.88 -8.86 -1.76
N LYS D 16 -32.14 -10.07 -1.27
CA LYS D 16 -31.39 -11.25 -1.68
C LYS D 16 -31.51 -11.50 -3.18
N ALA D 17 -32.71 -11.30 -3.72
CA ALA D 17 -32.95 -11.45 -5.15
C ALA D 17 -32.07 -10.51 -5.98
N TYR D 18 -32.06 -9.24 -5.58
CA TYR D 18 -31.28 -8.23 -6.29
C TYR D 18 -29.78 -8.48 -6.17
N SER D 19 -29.35 -8.85 -4.97
CA SER D 19 -27.95 -9.17 -4.72
C SER D 19 -27.48 -10.32 -5.61
N VAL D 20 -28.24 -11.41 -5.58
CA VAL D 20 -27.98 -12.58 -6.41
C VAL D 20 -27.96 -12.22 -7.90
N GLN D 21 -28.85 -11.31 -8.30
CA GLN D 21 -28.89 -10.89 -9.71
C GLN D 21 -27.76 -9.91 -10.04
N GLY D 22 -27.06 -9.43 -9.01
CA GLY D 22 -25.93 -8.55 -9.22
C GLY D 22 -26.24 -7.07 -9.25
N ASP D 23 -27.44 -6.70 -8.79
CA ASP D 23 -27.76 -5.30 -8.63
C ASP D 23 -27.23 -4.85 -7.27
N LYS D 24 -25.91 -4.64 -7.21
CA LYS D 24 -25.20 -4.41 -5.95
C LYS D 24 -25.71 -3.18 -5.20
N TRP D 25 -25.98 -2.11 -5.94
CA TRP D 25 -26.39 -0.85 -5.32
C TRP D 25 -27.83 -0.90 -4.83
N ARG D 26 -28.69 -1.58 -5.58
CA ARG D 26 -30.07 -1.74 -5.15
C ARG D 26 -30.12 -2.62 -3.91
N ALA D 27 -29.30 -3.66 -3.89
CA ALA D 27 -29.19 -4.54 -2.73
C ALA D 27 -28.64 -3.78 -1.53
N LEU D 28 -27.71 -2.87 -1.76
CA LEU D 28 -27.19 -2.01 -0.70
C LEU D 28 -28.32 -1.16 -0.11
N GLY D 29 -29.06 -0.49 -1.00
CA GLY D 29 -30.20 0.31 -0.60
C GLY D 29 -31.20 -0.45 0.26
N TYR D 30 -31.54 -1.66 -0.20
CA TYR D 30 -32.43 -2.52 0.57
C TYR D 30 -31.82 -2.88 1.93
N ALA D 31 -30.51 -3.12 1.95
CA ALA D 31 -29.82 -3.48 3.19
C ALA D 31 -29.93 -2.36 4.22
N LYS D 32 -29.66 -1.13 3.79
CA LYS D 32 -29.73 0.02 4.68
C LYS D 32 -31.17 0.33 5.10
N ALA D 33 -32.12 0.10 4.20
CA ALA D 33 -33.53 0.29 4.52
C ALA D 33 -34.00 -0.71 5.60
N ILE D 34 -33.67 -1.98 5.37
CA ILE D 34 -33.98 -3.04 6.32
C ILE D 34 -33.35 -2.76 7.69
N ASN D 35 -32.07 -2.41 7.68
CA ASN D 35 -31.37 -2.11 8.92
C ASN D 35 -31.95 -0.91 9.65
N ALA D 36 -32.40 0.09 8.90
CA ALA D 36 -33.03 1.26 9.50
C ALA D 36 -34.37 0.88 10.13
N LEU D 37 -35.11 0.01 9.45
CA LEU D 37 -36.40 -0.47 9.96
C LEU D 37 -36.25 -1.31 11.22
N LYS D 38 -35.26 -2.21 11.25
CA LYS D 38 -34.99 -3.03 12.43
C LYS D 38 -34.56 -2.17 13.62
N SER D 39 -33.85 -1.09 13.32
CA SER D 39 -33.27 -0.24 14.35
C SER D 39 -34.28 0.76 14.93
N PHE D 40 -35.44 0.87 14.31
CA PHE D 40 -36.43 1.88 14.71
C PHE D 40 -37.08 1.52 16.05
N HIS D 41 -37.30 2.55 16.87
CA HIS D 41 -37.77 2.36 18.25
C HIS D 41 -39.24 1.99 18.38
N LYS D 42 -39.94 1.90 17.26
CA LYS D 42 -41.37 1.62 17.26
C LYS D 42 -41.79 1.05 15.92
N PRO D 43 -42.99 0.44 15.86
CA PRO D 43 -43.48 -0.01 14.55
C PRO D 43 -43.74 1.19 13.63
N VAL D 44 -43.34 1.08 12.38
CA VAL D 44 -43.59 2.14 11.41
C VAL D 44 -45.08 2.15 11.07
N THR D 45 -45.71 3.30 11.27
CA THR D 45 -47.16 3.39 11.13
C THR D 45 -47.60 3.96 9.79
N SER D 46 -46.93 5.00 9.31
CA SER D 46 -47.39 5.68 8.11
C SER D 46 -46.31 5.85 7.04
N TYR D 47 -46.75 6.22 5.85
CA TYR D 47 -45.88 6.57 4.73
C TYR D 47 -44.95 7.72 5.12
N GLN D 48 -45.51 8.73 5.80
CA GLN D 48 -44.75 9.90 6.21
C GLN D 48 -43.72 9.56 7.27
N GLU D 49 -44.09 8.68 8.19
CA GLU D 49 -43.16 8.25 9.24
C GLU D 49 -42.01 7.46 8.62
N ALA D 50 -42.34 6.62 7.63
CA ALA D 50 -41.32 5.87 6.90
C ALA D 50 -40.38 6.81 6.17
N CYS D 51 -40.92 7.83 5.52
CA CYS D 51 -40.10 8.80 4.78
C CYS D 51 -39.18 9.61 5.68
N SER D 52 -39.52 9.69 6.96
CA SER D 52 -38.73 10.47 7.92
C SER D 52 -37.48 9.72 8.35
N ILE D 53 -37.43 8.42 8.03
CA ILE D 53 -36.31 7.59 8.40
C ILE D 53 -35.22 7.63 7.33
N PRO D 54 -33.97 7.92 7.74
CA PRO D 54 -32.83 7.89 6.82
C PRO D 54 -32.63 6.50 6.23
N GLY D 55 -32.55 6.42 4.91
CA GLY D 55 -32.41 5.14 4.24
C GLY D 55 -33.71 4.66 3.65
N ILE D 56 -34.79 5.39 3.94
CA ILE D 56 -36.11 5.04 3.41
C ILE D 56 -36.69 6.19 2.59
N GLY D 57 -36.91 5.92 1.31
CA GLY D 57 -37.47 6.91 0.40
C GLY D 57 -38.85 6.51 -0.08
N LYS D 58 -39.24 7.03 -1.24
CA LYS D 58 -40.60 6.83 -1.76
C LYS D 58 -40.91 5.37 -2.06
N ARG D 59 -40.00 4.70 -2.75
CA ARG D 59 -40.20 3.29 -3.13
C ARG D 59 -40.41 2.39 -1.92
N MET D 60 -39.43 2.43 -1.01
CA MET D 60 -39.46 1.63 0.20
C MET D 60 -40.71 1.92 1.01
N ALA D 61 -41.06 3.20 1.11
CA ALA D 61 -42.26 3.62 1.84
C ALA D 61 -43.52 3.04 1.22
N GLU D 62 -43.58 3.00 -0.12
CA GLU D 62 -44.71 2.41 -0.83
C GLU D 62 -44.85 0.93 -0.51
N LYS D 63 -43.73 0.21 -0.55
CA LYS D 63 -43.76 -1.22 -0.21
C LYS D 63 -44.18 -1.42 1.24
N ILE D 64 -43.68 -0.57 2.13
CA ILE D 64 -44.03 -0.63 3.55
C ILE D 64 -45.53 -0.49 3.76
N ILE D 65 -46.11 0.56 3.19
CA ILE D 65 -47.54 0.82 3.31
C ILE D 65 -48.35 -0.33 2.72
N GLU D 66 -47.91 -0.84 1.57
CA GLU D 66 -48.55 -2.00 0.96
C GLU D 66 -48.60 -3.18 1.93
N ILE D 67 -47.47 -3.47 2.56
CA ILE D 67 -47.40 -4.58 3.51
C ILE D 67 -48.29 -4.32 4.73
N LEU D 68 -48.33 -3.08 5.18
CA LEU D 68 -49.17 -2.74 6.33
C LEU D 68 -50.66 -2.89 6.03
N GLU D 69 -51.03 -2.66 4.77
CA GLU D 69 -52.44 -2.66 4.41
C GLU D 69 -52.95 -4.02 3.93
N SER D 70 -52.09 -4.83 3.34
CA SER D 70 -52.52 -6.13 2.79
C SER D 70 -51.85 -7.33 3.47
N GLY D 71 -50.80 -7.07 4.24
CA GLY D 71 -50.05 -8.15 4.87
C GLY D 71 -49.26 -8.96 3.86
N HIS D 72 -49.06 -8.37 2.68
CA HIS D 72 -48.40 -9.05 1.57
C HIS D 72 -47.66 -8.05 0.69
N LEU D 73 -46.66 -8.53 -0.04
CA LEU D 73 -45.93 -7.69 -0.99
C LEU D 73 -45.94 -8.33 -2.37
N ARG D 74 -46.65 -7.71 -3.31
CA ARG D 74 -46.92 -8.31 -4.61
C ARG D 74 -45.66 -8.60 -5.43
N LYS D 75 -44.62 -7.79 -5.27
CA LYS D 75 -43.39 -7.97 -6.05
C LYS D 75 -42.73 -9.32 -5.74
N LEU D 76 -42.95 -9.82 -4.53
CA LEU D 76 -42.43 -11.13 -4.13
C LEU D 76 -42.99 -12.25 -5.01
N ASP D 77 -44.15 -12.00 -5.61
CA ASP D 77 -44.79 -12.99 -6.49
C ASP D 77 -44.15 -13.00 -7.87
N HIS D 78 -43.34 -11.99 -8.16
CA HIS D 78 -42.83 -11.80 -9.51
C HIS D 78 -41.31 -11.87 -9.60
N ILE D 79 -40.68 -12.56 -8.64
CA ILE D 79 -39.24 -12.80 -8.68
C ILE D 79 -38.91 -13.62 -9.92
N SER D 80 -37.83 -13.28 -10.61
CA SER D 80 -37.43 -13.99 -11.82
C SER D 80 -37.19 -15.47 -11.57
N GLU D 81 -37.44 -16.27 -12.60
CA GLU D 81 -37.21 -17.72 -12.55
C GLU D 81 -35.73 -18.04 -12.34
N SER D 82 -34.88 -17.13 -12.76
CA SER D 82 -33.44 -17.35 -12.82
C SER D 82 -32.76 -17.23 -11.45
N VAL D 83 -33.41 -16.54 -10.53
CA VAL D 83 -32.80 -16.19 -9.25
C VAL D 83 -32.34 -17.39 -8.40
N PRO D 84 -33.16 -18.46 -8.30
CA PRO D 84 -32.65 -19.60 -7.51
C PRO D 84 -31.40 -20.25 -8.10
N VAL D 85 -31.31 -20.27 -9.43
CA VAL D 85 -30.16 -20.88 -10.10
C VAL D 85 -28.92 -19.98 -9.97
N LEU D 86 -29.11 -18.67 -10.12
CA LEU D 86 -28.03 -17.71 -9.95
C LEU D 86 -27.52 -17.70 -8.50
N GLU D 87 -28.43 -17.94 -7.56
CA GLU D 87 -28.07 -18.06 -6.16
C GLU D 87 -27.31 -19.38 -5.92
N LEU D 88 -27.76 -20.43 -6.58
CA LEU D 88 -27.08 -21.72 -6.52
C LEU D 88 -25.62 -21.57 -7.00
N PHE D 89 -25.44 -20.84 -8.09
CA PHE D 89 -24.13 -20.68 -8.69
C PHE D 89 -23.23 -19.74 -7.89
N SER D 90 -23.79 -18.64 -7.37
CA SER D 90 -22.99 -17.69 -6.59
C SER D 90 -22.68 -18.21 -5.19
N ASN D 91 -23.26 -19.36 -4.84
CA ASN D 91 -22.95 -20.04 -3.58
C ASN D 91 -21.64 -20.81 -3.67
N ILE D 92 -21.08 -20.88 -4.87
CA ILE D 92 -19.75 -21.42 -5.07
C ILE D 92 -18.72 -20.35 -4.73
N TRP D 93 -17.84 -20.64 -3.79
CA TRP D 93 -16.81 -19.70 -3.40
C TRP D 93 -15.87 -19.45 -4.56
N GLY D 94 -15.69 -18.19 -4.93
CA GLY D 94 -14.85 -17.84 -6.07
C GLY D 94 -15.68 -17.41 -7.27
N ALA D 95 -16.96 -17.75 -7.24
CA ALA D 95 -17.89 -17.38 -8.30
C ALA D 95 -18.87 -16.32 -7.80
N GLY D 96 -18.93 -15.19 -8.50
CA GLY D 96 -19.86 -14.13 -8.15
C GLY D 96 -20.98 -13.99 -9.16
N THR D 97 -21.49 -12.77 -9.29
CA THR D 97 -22.64 -12.49 -10.16
C THR D 97 -22.35 -12.66 -11.64
N LYS D 98 -21.23 -12.08 -12.09
CA LYS D 98 -20.85 -12.15 -13.50
C LYS D 98 -20.74 -13.59 -13.98
N THR D 99 -20.03 -14.42 -13.22
CA THR D 99 -19.84 -15.81 -13.56
C THR D 99 -21.16 -16.58 -13.52
N ALA D 100 -21.97 -16.29 -12.52
CA ALA D 100 -23.26 -16.96 -12.36
C ALA D 100 -24.17 -16.67 -13.54
N GLN D 101 -24.18 -15.41 -13.97
CA GLN D 101 -24.98 -14.99 -15.11
C GLN D 101 -24.46 -15.59 -16.40
N MET D 102 -23.13 -15.61 -16.56
CA MET D 102 -22.51 -16.23 -17.72
C MET D 102 -22.92 -17.71 -17.82
N TRP D 103 -22.89 -18.41 -16.68
CA TRP D 103 -23.26 -19.82 -16.64
C TRP D 103 -24.74 -20.03 -16.92
N TYR D 104 -25.58 -19.12 -16.43
CA TYR D 104 -27.01 -19.25 -16.69
C TYR D 104 -27.32 -18.99 -18.16
N GLN D 105 -26.54 -18.11 -18.78
CA GLN D 105 -26.74 -17.77 -20.19
C GLN D 105 -26.20 -18.88 -21.10
N GLN D 106 -25.30 -19.68 -20.55
CA GLN D 106 -24.74 -20.80 -21.30
C GLN D 106 -25.62 -22.05 -21.16
N GLY D 107 -26.70 -21.93 -20.39
CA GLY D 107 -27.67 -23.00 -20.26
C GLY D 107 -27.54 -23.84 -19.00
N PHE D 108 -26.48 -23.62 -18.23
CA PHE D 108 -26.24 -24.41 -17.02
C PHE D 108 -27.34 -24.14 -15.99
N ARG D 109 -27.85 -25.21 -15.38
CA ARG D 109 -28.97 -25.09 -14.45
C ARG D 109 -28.75 -25.87 -13.15
N SER D 110 -27.61 -26.54 -13.05
CA SER D 110 -27.32 -27.33 -11.87
C SER D 110 -25.83 -27.35 -11.56
N LEU D 111 -25.47 -27.82 -10.37
CA LEU D 111 -24.07 -27.95 -10.01
C LEU D 111 -23.39 -29.05 -10.84
N GLU D 112 -24.17 -30.02 -11.28
CA GLU D 112 -23.65 -31.08 -12.16
C GLU D 112 -23.21 -30.50 -13.49
N ASP D 113 -24.02 -29.61 -14.06
CA ASP D 113 -23.67 -28.93 -15.30
C ASP D 113 -22.37 -28.16 -15.13
N ILE D 114 -22.25 -27.47 -14.01
CA ILE D 114 -21.05 -26.72 -13.68
C ILE D 114 -19.83 -27.64 -13.60
N ARG D 115 -20.03 -28.80 -12.98
CA ARG D 115 -18.95 -29.76 -12.80
C ARG D 115 -18.46 -30.31 -14.13
N SER D 116 -19.39 -30.65 -15.01
CA SER D 116 -19.02 -31.35 -16.25
C SER D 116 -18.64 -30.43 -17.40
N GLN D 117 -19.22 -29.22 -17.44
CA GLN D 117 -19.09 -28.38 -18.63
C GLN D 117 -18.44 -27.02 -18.41
N ALA D 118 -18.57 -26.46 -17.20
CA ALA D 118 -18.07 -25.10 -16.94
C ALA D 118 -16.56 -25.06 -16.76
N SER D 119 -15.96 -23.94 -17.14
CA SER D 119 -14.54 -23.72 -16.94
C SER D 119 -14.30 -23.05 -15.58
N LEU D 120 -13.57 -23.74 -14.71
CA LEU D 120 -13.42 -23.31 -13.33
C LEU D 120 -11.99 -22.87 -12.99
N THR D 121 -11.89 -21.76 -12.27
CA THR D 121 -10.62 -21.36 -11.68
C THR D 121 -10.30 -22.30 -10.52
N THR D 122 -9.04 -22.29 -10.07
CA THR D 122 -8.63 -23.09 -8.92
C THR D 122 -9.54 -22.87 -7.72
N GLN D 123 -9.73 -21.61 -7.35
CA GLN D 123 -10.59 -21.25 -6.23
C GLN D 123 -12.01 -21.77 -6.41
N GLN D 124 -12.57 -21.54 -7.61
CA GLN D 124 -13.92 -22.03 -7.92
C GLN D 124 -14.02 -23.55 -7.83
N ALA D 125 -12.97 -24.25 -8.26
CA ALA D 125 -12.96 -25.71 -8.18
C ALA D 125 -12.95 -26.17 -6.72
N ILE D 126 -12.19 -25.46 -5.88
CA ILE D 126 -12.16 -25.79 -4.46
C ILE D 126 -13.53 -25.54 -3.83
N GLY D 127 -14.16 -24.43 -4.24
CA GLY D 127 -15.47 -24.08 -3.73
C GLY D 127 -16.56 -25.07 -4.13
N LEU D 128 -16.47 -25.54 -5.37
CA LEU D 128 -17.43 -26.51 -5.87
C LEU D 128 -17.24 -27.85 -5.17
N LYS D 129 -15.97 -28.24 -5.00
CA LYS D 129 -15.65 -29.51 -4.37
C LYS D 129 -16.20 -29.59 -2.94
N HIS D 130 -16.17 -28.47 -2.22
CA HIS D 130 -16.67 -28.43 -0.86
C HIS D 130 -17.92 -27.56 -0.74
N TYR D 131 -18.80 -27.65 -1.73
CA TYR D 131 -19.99 -26.80 -1.78
C TYR D 131 -20.86 -26.96 -0.53
N SER D 132 -21.21 -28.21 -0.21
CA SER D 132 -22.08 -28.51 0.92
C SER D 132 -21.48 -28.05 2.24
N ASP D 133 -20.19 -28.35 2.43
CA ASP D 133 -19.50 -27.98 3.66
C ASP D 133 -19.45 -26.46 3.87
N PHE D 134 -19.15 -25.71 2.80
CA PHE D 134 -19.05 -24.26 2.92
C PHE D 134 -20.42 -23.61 3.04
N LEU D 135 -21.44 -24.26 2.50
CA LEU D 135 -22.80 -23.71 2.53
C LEU D 135 -23.42 -23.78 3.93
N GLU D 136 -23.07 -24.82 4.68
CA GLU D 136 -23.58 -24.98 6.03
C GLU D 136 -22.81 -24.12 7.03
N ARG D 137 -23.54 -23.45 7.92
CA ARG D 137 -22.92 -22.71 9.01
C ARG D 137 -22.59 -23.67 10.14
N MET D 138 -21.35 -23.62 10.62
CA MET D 138 -20.90 -24.52 11.67
C MET D 138 -21.41 -24.06 13.04
N PRO D 139 -21.56 -25.00 13.99
CA PRO D 139 -21.87 -24.60 15.37
C PRO D 139 -20.69 -23.83 15.93
N ARG D 140 -20.92 -22.86 16.82
CA ARG D 140 -19.81 -22.03 17.26
C ARG D 140 -18.82 -22.82 18.12
N GLU D 141 -19.22 -24.00 18.61
CA GLU D 141 -18.30 -24.86 19.35
C GLU D 141 -17.21 -25.40 18.42
N GLU D 142 -17.60 -25.70 17.17
CA GLU D 142 -16.64 -26.13 16.17
C GLU D 142 -15.70 -24.98 15.79
N ALA D 143 -16.26 -23.77 15.72
CA ALA D 143 -15.47 -22.58 15.46
C ALA D 143 -14.46 -22.38 16.58
N THR D 144 -14.89 -22.68 17.80
CA THR D 144 -14.03 -22.59 18.98
C THR D 144 -12.88 -23.58 18.84
N GLU D 145 -13.20 -24.82 18.47
CA GLU D 145 -12.16 -25.84 18.26
C GLU D 145 -11.16 -25.42 17.20
N ILE D 146 -11.65 -24.83 16.11
CA ILE D 146 -10.76 -24.38 15.03
C ILE D 146 -9.82 -23.27 15.50
N GLU D 147 -10.39 -22.29 16.20
CA GLU D 147 -9.63 -21.17 16.72
C GLU D 147 -8.57 -21.68 17.65
N GLN D 148 -8.85 -22.79 18.31
CA GLN D 148 -8.01 -23.29 19.39
C GLN D 148 -6.91 -24.19 18.83
N THR D 149 -7.17 -24.77 17.66
CA THR D 149 -6.13 -25.35 16.82
C THR D 149 -5.13 -24.28 16.38
N VAL D 150 -5.66 -23.18 15.84
CA VAL D 150 -4.79 -22.09 15.36
C VAL D 150 -3.98 -21.46 16.50
N GLN D 151 -4.64 -21.22 17.63
CA GLN D 151 -4.01 -20.64 18.81
C GLN D 151 -2.90 -21.52 19.33
N LYS D 152 -3.16 -22.82 19.43
CA LYS D 152 -2.14 -23.75 19.91
C LYS D 152 -0.95 -23.80 18.96
N ALA D 153 -1.22 -23.75 17.65
CA ALA D 153 -0.12 -23.73 16.69
C ALA D 153 0.72 -22.46 16.81
N ALA D 154 0.08 -21.31 16.96
CA ALA D 154 0.79 -20.04 16.98
C ALA D 154 1.56 -19.82 18.28
N GLN D 155 0.92 -20.07 19.42
CA GLN D 155 1.53 -19.81 20.71
C GLN D 155 2.69 -20.75 21.03
N ALA D 156 2.85 -21.78 20.20
CA ALA D 156 3.99 -22.69 20.33
C ALA D 156 5.27 -21.99 19.93
N PHE D 157 5.16 -21.02 19.03
CA PHE D 157 6.30 -20.20 18.64
C PHE D 157 6.52 -19.07 19.64
N ASN D 158 5.42 -18.55 20.17
CA ASN D 158 5.46 -17.45 21.12
C ASN D 158 4.18 -17.40 21.97
N SER D 159 4.31 -17.70 23.26
CA SER D 159 3.17 -17.80 24.15
C SER D 159 2.52 -16.44 24.45
N GLY D 160 3.17 -15.36 24.01
CA GLY D 160 2.64 -14.03 24.21
C GLY D 160 1.71 -13.60 23.10
N LEU D 161 1.59 -14.43 22.07
CA LEU D 161 0.74 -14.11 20.92
C LEU D 161 -0.73 -14.11 21.30
N LEU D 162 -1.42 -13.03 20.95
CA LEU D 162 -2.85 -12.92 21.19
C LEU D 162 -3.63 -13.35 19.96
N CYS D 163 -4.52 -14.33 20.14
CA CYS D 163 -5.35 -14.83 19.06
C CYS D 163 -6.83 -14.67 19.42
N VAL D 164 -7.55 -13.93 18.58
CA VAL D 164 -8.97 -13.69 18.80
C VAL D 164 -9.80 -14.10 17.59
N ALA D 165 -10.80 -14.95 17.81
CA ALA D 165 -11.76 -15.25 16.77
C ALA D 165 -12.68 -14.04 16.59
N CYS D 166 -12.85 -13.60 15.35
CA CYS D 166 -13.67 -12.42 15.08
C CYS D 166 -14.93 -12.81 14.30
N GLY D 167 -15.34 -11.92 13.39
CA GLY D 167 -16.54 -12.17 12.61
C GLY D 167 -17.77 -12.41 13.46
N SER D 168 -18.66 -13.25 12.96
CA SER D 168 -19.92 -13.55 13.64
C SER D 168 -19.69 -14.22 14.99
N TYR D 169 -18.60 -14.98 15.10
CA TYR D 169 -18.25 -15.65 16.34
C TYR D 169 -18.11 -14.64 17.47
N ARG D 170 -17.37 -13.56 17.21
CA ARG D 170 -17.15 -12.53 18.23
C ARG D 170 -18.44 -11.76 18.53
N ARG D 171 -19.30 -11.65 17.53
CA ARG D 171 -20.59 -11.00 17.71
C ARG D 171 -21.60 -11.91 18.43
N GLY D 172 -21.14 -13.10 18.83
CA GLY D 172 -21.92 -13.97 19.69
C GLY D 172 -23.01 -14.79 19.00
N LYS D 173 -22.86 -14.98 17.70
CA LYS D 173 -23.84 -15.78 16.97
C LYS D 173 -23.68 -17.26 17.29
N ALA D 174 -24.78 -18.01 17.18
CA ALA D 174 -24.78 -19.43 17.53
C ALA D 174 -24.15 -20.27 16.43
N THR D 175 -24.18 -19.77 15.20
CA THR D 175 -23.56 -20.45 14.08
C THR D 175 -22.65 -19.51 13.28
N CYS D 176 -21.63 -20.07 12.65
CA CYS D 176 -20.67 -19.27 11.88
C CYS D 176 -20.49 -19.81 10.47
N GLY D 177 -20.47 -18.91 9.50
CA GLY D 177 -20.23 -19.28 8.12
C GLY D 177 -18.81 -19.78 7.93
N ASP D 178 -17.89 -19.19 8.68
CA ASP D 178 -16.48 -19.58 8.64
C ASP D 178 -15.74 -19.00 9.84
N VAL D 179 -14.50 -19.41 10.05
CA VAL D 179 -13.76 -18.92 11.22
C VAL D 179 -12.79 -17.79 10.87
N ASP D 180 -12.78 -16.75 11.70
CA ASP D 180 -11.97 -15.57 11.47
C ASP D 180 -11.01 -15.29 12.63
N VAL D 181 -9.76 -15.69 12.47
CA VAL D 181 -8.77 -15.55 13.53
C VAL D 181 -7.80 -14.40 13.27
N ALA D 182 -7.73 -13.48 14.23
CA ALA D 182 -6.77 -12.39 14.21
C ALA D 182 -5.66 -12.66 15.23
N ILE D 183 -4.42 -12.36 14.84
CA ILE D 183 -3.26 -12.65 15.67
C ILE D 183 -2.36 -11.43 15.77
N THR D 184 -1.92 -11.13 16.99
CA THR D 184 -0.96 -10.04 17.17
C THR D 184 -0.07 -10.30 18.37
N HIS D 185 0.74 -9.31 18.73
CA HIS D 185 1.56 -9.40 19.94
C HIS D 185 1.74 -8.01 20.56
N PRO D 186 1.51 -7.90 21.88
CA PRO D 186 1.69 -6.66 22.64
C PRO D 186 3.08 -6.03 22.46
N ASP D 187 4.09 -6.86 22.17
CA ASP D 187 5.44 -6.40 21.87
C ASP D 187 5.51 -5.26 20.88
N GLY D 188 4.68 -5.36 19.85
CA GLY D 188 4.81 -4.49 18.70
C GLY D 188 5.83 -5.06 17.73
N ARG D 189 6.48 -6.15 18.12
CA ARG D 189 7.54 -6.71 17.29
C ARG D 189 7.38 -8.21 16.99
N SER D 190 7.07 -9.03 18.00
CA SER D 190 7.19 -10.48 17.80
C SER D 190 5.98 -11.11 17.12
N HIS D 191 5.22 -10.28 16.41
CA HIS D 191 4.15 -10.76 15.56
C HIS D 191 4.71 -11.14 14.19
N ARG D 192 5.82 -10.50 13.83
CA ARG D 192 6.37 -10.66 12.48
C ARG D 192 7.17 -11.95 12.36
N GLY D 193 7.07 -12.59 11.19
CA GLY D 193 7.74 -13.83 10.93
C GLY D 193 6.90 -15.07 11.24
N ILE D 194 5.85 -14.89 12.04
CA ILE D 194 5.08 -16.04 12.50
C ILE D 194 4.04 -16.53 11.48
N PHE D 195 3.78 -15.73 10.44
CA PHE D 195 2.78 -16.09 9.44
C PHE D 195 3.13 -17.40 8.72
N SER D 196 4.28 -17.40 8.05
CA SER D 196 4.74 -18.57 7.32
C SER D 196 4.93 -19.78 8.23
N ARG D 197 5.51 -19.56 9.41
CA ARG D 197 5.74 -20.64 10.36
C ARG D 197 4.42 -21.26 10.81
N LEU D 198 3.44 -20.42 11.10
CA LEU D 198 2.11 -20.88 11.49
C LEU D 198 1.46 -21.70 10.39
N LEU D 199 1.47 -21.16 9.17
CA LEU D 199 0.88 -21.86 8.03
C LEU D 199 1.54 -23.22 7.82
N ASP D 200 2.87 -23.27 7.87
CA ASP D 200 3.59 -24.53 7.70
C ASP D 200 3.24 -25.52 8.79
N SER D 201 3.22 -25.04 10.03
CA SER D 201 2.87 -25.86 11.19
C SER D 201 1.47 -26.47 11.06
N LEU D 202 0.53 -25.68 10.55
CA LEU D 202 -0.84 -26.14 10.37
C LEU D 202 -0.97 -27.06 9.16
N ARG D 203 -0.11 -26.87 8.18
CA ARG D 203 -0.08 -27.72 7.00
C ARG D 203 0.47 -29.10 7.35
N GLN D 204 1.42 -29.12 8.27
CA GLN D 204 2.12 -30.36 8.61
C GLN D 204 1.26 -31.29 9.46
N GLU D 205 0.33 -30.73 10.22
CA GLU D 205 -0.58 -31.55 11.01
C GLU D 205 -1.83 -31.88 10.19
N GLY D 206 -1.80 -31.50 8.91
CA GLY D 206 -2.89 -31.80 8.01
C GLY D 206 -4.16 -31.02 8.30
N PHE D 207 -4.02 -29.95 9.08
CA PHE D 207 -5.17 -29.13 9.45
C PHE D 207 -5.63 -28.28 8.27
N LEU D 208 -4.68 -27.63 7.60
CA LEU D 208 -4.97 -26.88 6.38
C LEU D 208 -4.96 -27.82 5.17
N THR D 209 -6.03 -27.77 4.38
CA THR D 209 -6.20 -28.69 3.27
C THR D 209 -6.12 -28.00 1.92
N ASP D 210 -6.56 -26.75 1.86
CA ASP D 210 -6.58 -25.97 0.63
C ASP D 210 -6.28 -24.51 0.86
N ASP D 211 -5.68 -23.86 -0.10
CA ASP D 211 -5.36 -22.47 0.00
C ASP D 211 -6.09 -21.74 -1.07
N LEU D 212 -6.78 -20.67 -0.72
CA LEU D 212 -7.51 -19.89 -1.68
C LEU D 212 -6.78 -18.63 -1.99
N VAL D 213 -6.37 -17.91 -0.99
CA VAL D 213 -5.64 -16.69 -1.15
C VAL D 213 -4.45 -16.84 -0.24
N SER D 214 -3.49 -17.62 -0.71
CA SER D 214 -2.29 -17.96 0.03
C SER D 214 -1.53 -16.74 0.42
N GLN D 215 -1.55 -15.72 -0.42
CA GLN D 215 -0.90 -14.46 -0.10
C GLN D 215 -1.94 -13.36 0.06
N GLY D 219 2.15 -5.72 2.47
CA GLY D 219 1.97 -4.71 3.50
C GLY D 219 2.15 -5.11 4.96
N GLN D 220 1.61 -4.25 5.80
CA GLN D 220 1.63 -4.32 7.25
C GLN D 220 0.93 -5.50 7.89
N GLN D 221 -0.19 -5.87 7.32
CA GLN D 221 -0.97 -6.96 7.81
C GLN D 221 -0.91 -8.04 6.75
N GLN D 222 -0.68 -9.26 7.20
CA GLN D 222 -0.60 -10.41 6.37
C GLN D 222 -1.95 -11.12 6.44
N LYS D 223 -2.47 -11.58 5.32
CA LYS D 223 -3.76 -12.24 5.31
C LYS D 223 -3.78 -13.58 4.62
N TYR D 224 -4.49 -14.53 5.20
CA TYR D 224 -4.62 -15.83 4.63
C TYR D 224 -6.06 -16.31 4.53
N LEU D 225 -6.49 -16.71 3.34
CA LEU D 225 -7.79 -17.35 3.17
C LEU D 225 -7.59 -18.78 2.72
N GLY D 226 -8.20 -19.72 3.41
CA GLY D 226 -8.07 -21.11 3.04
C GLY D 226 -9.12 -22.02 3.61
N VAL D 227 -8.80 -23.31 3.64
CA VAL D 227 -9.71 -24.34 4.10
C VAL D 227 -9.03 -25.21 5.15
N CYS D 228 -9.76 -25.51 6.22
CA CYS D 228 -9.23 -26.39 7.25
C CYS D 228 -10.22 -27.50 7.54
N ARG D 229 -9.76 -28.52 8.27
CA ARG D 229 -10.64 -29.58 8.73
C ARG D 229 -10.12 -30.15 10.04
N LEU D 230 -11.02 -30.27 11.01
CA LEU D 230 -10.66 -30.78 12.32
C LEU D 230 -10.37 -32.27 12.26
N PRO D 231 -9.48 -32.76 13.14
CA PRO D 231 -9.23 -34.20 13.24
C PRO D 231 -10.49 -34.94 13.67
N GLY D 232 -10.60 -36.21 13.31
CA GLY D 232 -11.75 -37.00 13.71
C GLY D 232 -12.65 -37.41 12.56
N PRO D 233 -13.51 -38.40 12.80
CA PRO D 233 -14.38 -38.98 11.77
C PRO D 233 -15.57 -38.10 11.39
N GLY D 234 -15.74 -37.86 10.10
CA GLY D 234 -16.91 -37.16 9.58
C GLY D 234 -16.83 -35.65 9.63
N ARG D 235 -15.67 -35.12 9.99
CA ARG D 235 -15.47 -33.68 10.08
C ARG D 235 -15.57 -33.02 8.70
N ARG D 236 -16.35 -31.95 8.62
CA ARG D 236 -16.52 -31.20 7.38
C ARG D 236 -15.35 -30.26 7.14
N HIS D 237 -15.15 -29.90 5.88
CA HIS D 237 -14.19 -28.85 5.55
C HIS D 237 -14.82 -27.51 5.88
N ARG D 238 -14.03 -26.60 6.43
CA ARG D 238 -14.51 -25.29 6.82
C ARG D 238 -13.61 -24.20 6.28
N ARG D 239 -14.19 -23.02 6.05
CA ARG D 239 -13.41 -21.88 5.59
C ARG D 239 -12.72 -21.20 6.77
N LEU D 240 -11.42 -20.99 6.61
CA LEU D 240 -10.61 -20.36 7.66
C LEU D 240 -9.90 -19.14 7.11
N ASP D 241 -9.99 -18.03 7.84
CA ASP D 241 -9.29 -16.80 7.50
C ASP D 241 -8.43 -16.35 8.67
N ILE D 242 -7.16 -16.05 8.41
CA ILE D 242 -6.26 -15.60 9.45
C ILE D 242 -5.62 -14.27 9.07
N ILE D 243 -5.58 -13.33 9.99
CA ILE D 243 -4.82 -12.11 9.75
C ILE D 243 -3.79 -11.90 10.87
N VAL D 244 -2.59 -11.50 10.48
CA VAL D 244 -1.56 -11.15 11.45
C VAL D 244 -1.25 -9.66 11.32
N VAL D 245 -1.39 -8.93 12.43
CA VAL D 245 -1.30 -7.47 12.41
C VAL D 245 -0.38 -6.93 13.50
N PRO D 246 0.28 -5.79 13.22
CA PRO D 246 1.08 -5.13 14.27
C PRO D 246 0.16 -4.63 15.38
N TYR D 247 0.68 -4.53 16.60
CA TYR D 247 -0.15 -4.18 17.75
C TYR D 247 -0.82 -2.82 17.58
N SER D 248 -0.09 -1.87 17.02
CA SER D 248 -0.60 -0.51 16.81
C SER D 248 -1.85 -0.48 15.93
N GLU D 249 -2.09 -1.54 15.18
CA GLU D 249 -3.24 -1.60 14.28
C GLU D 249 -4.33 -2.52 14.80
N PHE D 250 -4.01 -3.29 15.84
CA PHE D 250 -4.88 -4.36 16.32
C PHE D 250 -6.33 -3.93 16.53
N ALA D 251 -6.53 -2.80 17.20
CA ALA D 251 -7.88 -2.29 17.45
C ALA D 251 -8.65 -2.19 16.14
N CYS D 252 -8.10 -1.44 15.18
CA CYS D 252 -8.80 -1.24 13.91
C CYS D 252 -8.91 -2.56 13.14
N ALA D 253 -7.99 -3.48 13.40
CA ALA D 253 -8.09 -4.79 12.78
C ALA D 253 -9.26 -5.53 13.40
N LEU D 254 -9.30 -5.52 14.74
CA LEU D 254 -10.34 -6.24 15.47
C LEU D 254 -11.71 -5.73 15.03
N LEU D 255 -11.88 -4.42 15.16
CA LEU D 255 -13.09 -3.74 14.70
C LEU D 255 -13.48 -4.15 13.29
N TYR D 256 -12.49 -4.25 12.41
CA TYR D 256 -12.78 -4.58 11.02
C TYR D 256 -13.24 -6.04 10.89
N PHE D 257 -12.55 -6.93 11.60
CA PHE D 257 -12.72 -8.35 11.34
C PHE D 257 -13.92 -8.87 12.13
N THR D 258 -14.36 -8.09 13.10
CA THR D 258 -15.54 -8.41 13.88
C THR D 258 -16.80 -8.09 13.10
N GLY D 259 -16.75 -6.99 12.37
CA GLY D 259 -17.86 -6.58 11.53
C GLY D 259 -19.08 -6.09 12.29
N SER D 260 -20.26 -6.29 11.71
CA SER D 260 -20.43 -6.93 10.41
C SER D 260 -20.04 -6.01 9.25
N ALA D 261 -20.15 -6.52 8.02
CA ALA D 261 -19.77 -5.77 6.83
C ALA D 261 -20.60 -4.50 6.67
N HIS D 262 -21.90 -4.59 6.95
CA HIS D 262 -22.78 -3.42 6.88
C HIS D 262 -22.42 -2.40 7.96
N PHE D 263 -22.06 -2.91 9.13
CA PHE D 263 -21.58 -2.07 10.23
C PHE D 263 -20.32 -1.33 9.81
N ASN D 264 -19.34 -2.07 9.32
CA ASN D 264 -18.09 -1.48 8.83
C ASN D 264 -18.35 -0.41 7.78
N ARG D 265 -19.26 -0.72 6.86
CA ARG D 265 -19.58 0.16 5.75
C ARG D 265 -20.17 1.47 6.27
N SER D 266 -21.16 1.36 7.15
CA SER D 266 -21.78 2.55 7.74
C SER D 266 -20.78 3.38 8.51
N MET D 267 -19.96 2.72 9.32
CA MET D 267 -19.01 3.41 10.17
C MET D 267 -17.93 4.13 9.37
N ARG D 268 -17.49 3.52 8.28
CA ARG D 268 -16.51 4.15 7.41
C ARG D 268 -17.14 5.32 6.66
N ALA D 269 -18.39 5.16 6.23
CA ALA D 269 -19.11 6.26 5.59
C ALA D 269 -19.19 7.46 6.53
N LEU D 270 -19.60 7.20 7.77
CA LEU D 270 -19.69 8.23 8.79
C LEU D 270 -18.34 8.89 9.05
N ALA D 271 -17.29 8.07 9.10
CA ALA D 271 -15.94 8.60 9.23
C ALA D 271 -15.64 9.57 8.09
N LYS D 272 -16.08 9.22 6.89
CA LYS D 272 -15.84 10.04 5.71
C LYS D 272 -16.61 11.36 5.77
N THR D 273 -17.81 11.34 6.37
CA THR D 273 -18.57 12.58 6.51
C THR D 273 -17.93 13.53 7.52
N LYS D 274 -17.10 12.99 8.42
CA LYS D 274 -16.47 13.79 9.47
C LYS D 274 -15.03 14.17 9.14
N GLY D 275 -14.66 14.07 7.86
CA GLY D 275 -13.32 14.43 7.45
C GLY D 275 -12.29 13.44 7.96
N MET D 276 -12.68 12.18 8.04
CA MET D 276 -11.78 11.12 8.46
C MET D 276 -11.84 9.94 7.48
N SER D 277 -11.00 8.94 7.73
CA SER D 277 -10.99 7.72 6.93
C SER D 277 -10.75 6.53 7.85
N LEU D 278 -11.56 5.49 7.69
CA LEU D 278 -11.43 4.30 8.51
C LEU D 278 -11.13 3.06 7.68
N SER D 279 -10.11 2.31 8.08
CA SER D 279 -9.76 1.06 7.41
C SER D 279 -9.35 0.02 8.43
N GLU D 280 -8.98 -1.16 7.94
CA GLU D 280 -8.53 -2.23 8.81
C GLU D 280 -7.17 -1.90 9.44
N HIS D 281 -6.47 -0.93 8.86
CA HIS D 281 -5.17 -0.52 9.37
C HIS D 281 -5.27 0.54 10.47
N ALA D 282 -5.99 1.61 10.17
CA ALA D 282 -6.04 2.74 11.09
C ALA D 282 -7.23 3.67 10.85
N LEU D 283 -7.61 4.40 11.91
CA LEU D 283 -8.46 5.56 11.75
C LEU D 283 -7.55 6.76 11.54
N SER D 284 -7.79 7.52 10.48
CA SER D 284 -6.91 8.63 10.14
C SER D 284 -7.71 9.84 9.69
N THR D 285 -7.03 10.96 9.47
CA THR D 285 -7.68 12.13 8.89
C THR D 285 -7.97 11.88 7.42
N ALA D 286 -8.71 12.80 6.79
CA ALA D 286 -9.13 12.64 5.40
C ALA D 286 -7.94 12.45 4.47
N VAL D 287 -8.12 11.65 3.44
CA VAL D 287 -7.08 11.42 2.49
C VAL D 287 -6.78 12.66 1.70
N VAL D 288 -5.54 12.79 1.27
CA VAL D 288 -5.16 13.93 0.47
C VAL D 288 -5.61 13.80 -0.97
N ARG D 289 -6.22 14.85 -1.44
CA ARG D 289 -6.78 14.92 -2.75
C ARG D 289 -6.16 16.03 -3.53
N ASN D 290 -6.10 15.86 -4.83
CA ASN D 290 -5.58 16.88 -5.70
C ASN D 290 -6.70 17.84 -6.01
N THR D 291 -6.42 18.75 -6.91
CA THR D 291 -7.39 19.74 -7.29
C THR D 291 -8.60 19.08 -7.89
N HIS D 292 -8.35 18.04 -8.66
CA HIS D 292 -9.40 17.30 -9.32
C HIS D 292 -10.21 16.44 -8.36
N GLY D 293 -9.73 16.33 -7.14
CA GLY D 293 -10.39 15.53 -6.14
C GLY D 293 -10.00 14.08 -6.05
N CYS D 294 -8.98 13.69 -6.80
CA CYS D 294 -8.45 12.35 -6.82
C CYS D 294 -7.64 12.08 -5.57
N LYS D 295 -7.69 10.86 -5.06
CA LYS D 295 -6.94 10.55 -3.86
C LYS D 295 -5.53 10.32 -4.26
N VAL D 296 -4.61 11.01 -3.62
CA VAL D 296 -3.22 10.82 -3.91
C VAL D 296 -2.44 10.29 -2.72
N GLY D 297 -3.00 10.46 -1.54
CA GLY D 297 -2.35 10.01 -0.35
C GLY D 297 -3.21 9.73 0.83
N PRO D 298 -2.57 8.95 1.76
CA PRO D 298 -3.36 8.68 2.95
C PRO D 298 -3.42 9.88 3.86
N GLY D 299 -4.30 9.87 4.85
CA GLY D 299 -4.35 10.95 5.82
C GLY D 299 -3.44 10.65 6.99
N ARG D 300 -3.45 11.50 8.00
CA ARG D 300 -2.60 11.30 9.17
C ARG D 300 -3.26 10.31 10.12
N VAL D 301 -2.56 9.22 10.43
CA VAL D 301 -3.06 8.22 11.35
C VAL D 301 -3.35 8.82 12.73
N LEU D 302 -4.52 8.48 13.26
CA LEU D 302 -4.88 8.83 14.63
C LEU D 302 -4.79 7.56 15.47
N PRO D 303 -3.87 7.55 16.45
CA PRO D 303 -3.65 6.38 17.31
C PRO D 303 -4.92 5.90 18.00
N THR D 304 -5.19 4.60 17.90
CA THR D 304 -6.37 4.00 18.53
C THR D 304 -6.00 2.67 19.18
N PRO D 305 -5.65 2.71 20.47
CA PRO D 305 -5.28 1.51 21.23
C PRO D 305 -6.38 0.46 21.35
N THR D 306 -7.63 0.92 21.43
CA THR D 306 -8.77 0.01 21.58
C THR D 306 -9.90 0.42 20.65
N GLU D 307 -10.86 -0.48 20.44
CA GLU D 307 -12.02 -0.20 19.58
C GLU D 307 -12.77 1.03 20.07
N LYS D 308 -12.86 1.13 21.39
CA LYS D 308 -13.57 2.23 22.04
C LYS D 308 -12.97 3.59 21.67
N ASP D 309 -11.67 3.62 21.42
CA ASP D 309 -11.00 4.85 20.99
C ASP D 309 -11.45 5.25 19.57
N VAL D 310 -11.64 4.25 18.72
CA VAL D 310 -12.18 4.49 17.38
C VAL D 310 -13.58 5.06 17.49
N PHE D 311 -14.42 4.46 18.33
CA PHE D 311 -15.77 4.98 18.54
C PHE D 311 -15.75 6.43 19.07
N ARG D 312 -14.87 6.67 20.03
CA ARG D 312 -14.74 7.99 20.65
C ARG D 312 -14.33 9.07 19.65
N LEU D 313 -13.32 8.78 18.83
CA LEU D 313 -12.83 9.78 17.89
C LEU D 313 -13.84 10.04 16.77
N LEU D 314 -14.80 9.14 16.59
CA LEU D 314 -15.85 9.31 15.59
C LEU D 314 -17.10 9.95 16.19
N GLY D 315 -17.07 10.22 17.49
CA GLY D 315 -18.21 10.78 18.17
C GLY D 315 -19.39 9.82 18.25
N LEU D 316 -19.08 8.54 18.48
CA LEU D 316 -20.10 7.49 18.52
C LEU D 316 -20.16 6.77 19.85
N PRO D 317 -21.37 6.39 20.27
CA PRO D 317 -21.55 5.55 21.46
C PRO D 317 -20.93 4.18 21.22
N TYR D 318 -20.22 3.64 22.21
CA TYR D 318 -19.59 2.35 22.02
C TYR D 318 -20.61 1.22 21.96
N ARG D 319 -20.38 0.28 21.05
CA ARG D 319 -21.20 -0.92 20.97
C ARG D 319 -20.35 -2.17 21.17
N GLU D 320 -20.82 -3.07 22.03
CA GLU D 320 -20.23 -4.41 22.12
C GLU D 320 -20.46 -5.11 20.78
N PRO D 321 -19.61 -6.10 20.45
CA PRO D 321 -19.72 -6.85 19.18
C PRO D 321 -21.14 -7.32 18.83
N ALA D 322 -21.89 -7.80 19.81
CA ALA D 322 -23.24 -8.30 19.57
C ALA D 322 -24.17 -7.21 19.04
N GLU D 323 -23.83 -5.96 19.31
CA GLU D 323 -24.63 -4.82 18.85
C GLU D 323 -24.07 -4.21 17.58
N ARG D 324 -23.17 -4.93 16.92
CA ARG D 324 -22.63 -4.49 15.63
C ARG D 324 -23.13 -5.45 14.56
N ASP D 325 -24.15 -6.23 14.92
CA ASP D 325 -24.65 -7.30 14.08
C ASP D 325 -25.62 -6.78 13.05
N TRP D 326 -25.14 -5.91 12.17
CA TRP D 326 -25.99 -5.35 11.13
C TRP D 326 -25.93 -6.23 9.89
N1 DCP I . 15.77 7.83 -6.58
C2 DCP I . 14.57 8.08 -7.30
N3 DCP I . 13.97 9.38 -7.16
C4 DCP I . 14.52 10.30 -6.40
C5 DCP I . 15.81 10.01 -5.64
C6 DCP I . 16.40 8.79 -5.77
O2 DCP I . 14.08 7.22 -8.01
N4 DCP I . 13.90 11.59 -6.26
C1' DCP I . 16.41 6.52 -6.74
C2' DCP I . 17.31 6.52 -7.94
C3' DCP I . 18.65 6.71 -7.32
C4' DCP I . 18.48 5.90 -6.09
O4' DCP I . 17.18 6.11 -5.63
O3' DCP I . 19.68 6.28 -8.15
C5' DCP I . 19.48 6.26 -5.01
O5' DCP I . 19.27 7.59 -4.66
PA DCP I . 20.51 8.53 -4.28
O1A DCP I . 21.50 7.76 -3.44
O2A DCP I . 19.98 9.70 -3.50
O3A DCP I . 21.19 9.10 -5.58
PB DCP I . 22.41 8.45 -6.34
O1B DCP I . 21.99 8.12 -7.75
O2B DCP I . 22.91 7.19 -5.68
O3B DCP I . 23.55 9.53 -6.41
PG DCP I . 24.44 9.92 -5.16
O1G DCP I . 25.83 9.38 -5.37
O2G DCP I . 23.86 9.38 -3.88
O3G DCP I . 24.51 11.43 -5.08
CA CA J . 20.37 6.89 -1.21
CA CA K . 23.73 6.89 -3.43
N1 DCP L . -16.11 -7.80 5.96
C2 DCP L . -16.15 -6.46 5.50
N3 DCP L . -16.74 -6.22 4.20
C4 DCP L . -17.23 -7.23 3.49
C5 DCP L . -17.18 -8.64 4.03
C6 DCP L . -16.63 -8.88 5.23
O2 DCP L . -15.69 -5.54 6.15
N4 DCP L . -17.81 -6.94 2.22
C1' DCP L . -15.52 -8.04 7.28
C2' DCP L . -16.58 -7.95 8.33
C3' DCP L . -16.85 -9.37 8.66
C4' DCP L . -15.49 -9.96 8.48
O4' DCP L . -14.89 -9.29 7.42
O3' DCP L . -17.37 -9.51 9.94
C5' DCP L . -15.50 -11.47 8.23
O5' DCP L . -16.16 -11.76 7.04
PA DCP L . -17.38 -12.77 7.05
O1A DCP L . -17.85 -12.99 5.63
O2A DCP L . -16.91 -14.07 7.65
O3A DCP L . -18.56 -12.12 7.87
PB DCP L . -19.27 -12.75 9.13
O1B DCP L . -18.30 -13.48 10.03
O2B DCP L . -19.86 -11.59 9.89
O3B DCP L . -20.46 -13.68 8.66
PG DCP L . -20.45 -15.26 8.62
O1G DCP L . -21.40 -15.70 7.54
O2G DCP L . -19.07 -15.80 8.31
O3G DCP L . -20.92 -15.80 9.94
CA CA M . -14.37 -14.71 6.71
CA CA N . -16.98 -15.43 9.59
#